data_8TCS
#
_entry.id   8TCS
#
_cell.length_a   47.994
_cell.length_b   113.549
_cell.length_c   212.442
_cell.angle_alpha   90
_cell.angle_beta   90
_cell.angle_gamma   90
#
_symmetry.space_group_name_H-M   'P 21 21 21'
#
loop_
_entity.id
_entity.type
_entity.pdbx_description
1 polymer 'Xylose isomerase-like TIM barrel domain-containing protein'
2 branched alpha-D-glucopyranose-(1-1)-alpha-D-glucopyranose
3 non-polymer 'COBALT (II) ION'
4 non-polymer 'ACETATE ION'
5 water water
#
_entity_poly.entity_id   1
_entity_poly.type   'polypeptide(L)'
_entity_poly.pdbx_seq_one_letter_code
;KKDIGIQLYSVRDLIGSFGRNQHDYKPVLKALADMGYTSIEAASYNDGKFYGNTPEEFRRDVEAVGMKVLSSHCGKGLSD
EELASGDFSESMKWWDQCIAAHKAAGMEYIVTPYLPVPKTLKEMQTYCDYLNAIGKKCREAGIKYGYHNHAHEFQKIEDK
AVMLDYMIENTDPENLFIELDVYWAVMGKASPVDYFHKYPGRFKMLHIKDRREIGQSGMVGFDAIFENAKTAGVENIIVE
VEQYSYDVEKSVKLSLDYLLEAPFVKASYS
;
_entity_poly.pdbx_strand_id   D,C,A,B
#
# COMPACT_ATOMS: atom_id res chain seq x y z
N LYS A 1 45.37 -5.72 22.64
CA LYS A 1 44.57 -6.35 23.73
C LYS A 1 43.16 -5.76 23.71
N LYS A 2 42.20 -6.66 23.51
CA LYS A 2 40.79 -6.29 23.58
C LYS A 2 40.05 -7.36 24.40
N ASP A 3 38.98 -6.93 25.07
CA ASP A 3 38.07 -7.80 25.78
C ASP A 3 37.15 -8.49 24.79
N ILE A 4 37.33 -9.79 24.53
CA ILE A 4 36.54 -10.52 23.56
C ILE A 4 36.27 -11.93 24.11
N GLY A 5 35.00 -12.31 24.16
CA GLY A 5 34.65 -13.62 24.68
C GLY A 5 34.47 -14.66 23.61
N ILE A 6 34.36 -15.94 24.02
CA ILE A 6 34.17 -17.07 23.11
C ILE A 6 33.05 -17.95 23.64
N GLN A 7 32.08 -18.30 22.76
CA GLN A 7 31.05 -19.26 23.06
C GLN A 7 31.65 -20.65 22.94
N LEU A 8 31.66 -21.41 24.05
CA LEU A 8 32.30 -22.71 24.07
C LEU A 8 31.62 -23.72 23.15
N TYR A 9 30.40 -23.49 22.70
CA TYR A 9 29.80 -24.38 21.70
C TYR A 9 30.70 -24.42 20.46
N SER A 10 31.43 -23.32 20.21
CA SER A 10 32.31 -23.22 19.05
C SER A 10 33.37 -24.32 19.03
N VAL A 11 33.76 -24.80 20.23
CA VAL A 11 34.82 -25.81 20.30
C VAL A 11 34.29 -27.14 20.87
N ARG A 12 33.01 -27.42 20.64
CA ARG A 12 32.37 -28.64 21.11
C ARG A 12 33.10 -29.87 20.59
N ASP A 13 33.74 -29.81 19.42
CA ASP A 13 34.35 -31.00 18.84
C ASP A 13 35.71 -31.27 19.51
N LEU A 14 36.20 -30.32 20.31
CA LEU A 14 37.51 -30.41 20.93
C LEU A 14 37.43 -30.74 22.41
N ILE A 15 36.19 -30.97 22.88
CA ILE A 15 35.89 -31.30 24.26
C ILE A 15 35.21 -32.65 24.17
N GLY A 16 35.96 -33.73 24.36
CA GLY A 16 35.39 -35.07 24.31
C GLY A 16 35.34 -35.67 25.70
N SER A 17 34.77 -36.88 25.78
CA SER A 17 35.09 -37.81 26.86
C SER A 17 36.56 -38.22 26.71
N PHE A 18 37.33 -38.13 27.82
CA PHE A 18 38.68 -38.66 27.86
C PHE A 18 39.13 -38.82 29.32
N GLY A 19 39.67 -40.00 29.66
CA GLY A 19 40.35 -40.23 30.92
C GLY A 19 39.38 -40.33 32.10
N ARG A 20 39.43 -39.32 32.99
CA ARG A 20 38.52 -39.23 34.13
C ARG A 20 37.27 -38.41 33.77
N ASN A 21 37.32 -37.62 32.68
CA ASN A 21 36.32 -36.58 32.41
C ASN A 21 35.41 -36.98 31.26
N GLN A 22 34.09 -36.93 31.52
CA GLN A 22 33.07 -36.99 30.48
C GLN A 22 33.19 -35.79 29.54
N HIS A 23 33.62 -34.62 30.05
CA HIS A 23 33.89 -33.46 29.19
C HIS A 23 35.27 -32.88 29.52
N ASP A 24 36.26 -33.19 28.67
CA ASP A 24 37.63 -32.85 28.99
C ASP A 24 37.99 -31.49 28.38
N TYR A 25 37.59 -30.40 29.04
CA TYR A 25 37.63 -29.07 28.46
C TYR A 25 38.88 -28.29 28.84
N LYS A 26 39.66 -28.72 29.84
CA LYS A 26 40.76 -27.88 30.29
C LYS A 26 41.80 -27.61 29.20
N PRO A 27 42.20 -28.59 28.36
CA PRO A 27 43.15 -28.35 27.28
C PRO A 27 42.68 -27.23 26.36
N VAL A 28 41.39 -27.18 26.03
CA VAL A 28 40.93 -26.20 25.04
C VAL A 28 40.79 -24.82 25.70
N LEU A 29 40.40 -24.78 26.99
CA LEU A 29 40.46 -23.53 27.72
C LEU A 29 41.84 -22.88 27.59
N LYS A 30 42.91 -23.67 27.72
CA LYS A 30 44.24 -23.09 27.66
C LYS A 30 44.58 -22.60 26.26
N ALA A 31 44.17 -23.36 25.22
CA ALA A 31 44.37 -22.92 23.85
C ALA A 31 43.62 -21.61 23.60
N LEU A 32 42.37 -21.49 24.10
CA LEU A 32 41.60 -20.27 23.89
C LEU A 32 42.24 -19.08 24.58
N ALA A 33 42.74 -19.25 25.82
CA ALA A 33 43.41 -18.17 26.53
C ALA A 33 44.70 -17.71 25.81
N ASP A 34 45.46 -18.68 25.30
CA ASP A 34 46.69 -18.44 24.58
C ASP A 34 46.43 -17.65 23.31
N MET A 35 45.31 -17.90 22.62
CA MET A 35 44.91 -17.13 21.44
C MET A 35 44.69 -15.66 21.75
N GLY A 36 44.21 -15.38 22.97
CA GLY A 36 43.90 -14.05 23.43
C GLY A 36 42.43 -13.85 23.84
N TYR A 37 41.58 -14.87 23.85
CA TYR A 37 40.23 -14.67 24.37
C TYR A 37 40.31 -14.36 25.86
N THR A 38 39.42 -13.46 26.30
CA THR A 38 39.43 -12.95 27.66
C THR A 38 38.31 -13.55 28.52
N SER A 39 37.26 -14.09 27.90
CA SER A 39 36.09 -14.57 28.62
C SER A 39 35.38 -15.67 27.85
N ILE A 40 34.55 -16.43 28.57
CA ILE A 40 33.84 -17.56 27.99
C ILE A 40 32.34 -17.39 28.25
N GLU A 41 31.56 -17.96 27.32
CA GLU A 41 30.15 -18.22 27.48
C GLU A 41 29.96 -19.72 27.40
N ALA A 42 29.39 -20.30 28.46
CA ALA A 42 29.18 -21.72 28.54
C ALA A 42 28.00 -22.15 27.70
N ALA A 43 28.01 -23.43 27.31
CA ALA A 43 26.86 -24.05 26.66
C ALA A 43 26.71 -25.48 27.15
N SER A 44 26.69 -25.69 28.48
CA SER A 44 26.57 -27.03 29.02
C SER A 44 26.21 -26.93 30.50
N TYR A 45 24.97 -26.56 30.77
CA TYR A 45 24.48 -26.47 32.13
C TYR A 45 23.47 -27.58 32.37
N ASN A 46 23.60 -28.28 33.50
CA ASN A 46 22.67 -29.35 33.84
C ASN A 46 22.68 -29.61 35.36
N ASP A 47 21.52 -29.47 36.00
CA ASP A 47 21.29 -29.85 37.39
C ASP A 47 22.40 -29.34 38.29
N GLY A 48 22.68 -28.04 38.19
CA GLY A 48 23.60 -27.37 39.10
C GLY A 48 25.07 -27.43 38.64
N LYS A 49 25.37 -28.05 37.49
CA LYS A 49 26.75 -28.33 37.09
C LYS A 49 27.03 -27.75 35.70
N PHE A 50 28.30 -27.54 35.42
CA PHE A 50 28.78 -27.04 34.14
C PHE A 50 29.77 -28.06 33.58
N TYR A 51 29.45 -28.62 32.39
CA TYR A 51 30.32 -29.59 31.77
C TYR A 51 30.60 -30.74 32.75
N GLY A 52 29.61 -31.06 33.58
CA GLY A 52 29.65 -32.20 34.49
C GLY A 52 30.43 -31.87 35.76
N ASN A 53 30.91 -30.63 35.90
CA ASN A 53 31.67 -30.22 37.08
C ASN A 53 30.86 -29.26 37.95
N THR A 54 31.25 -29.16 39.22
CA THR A 54 30.65 -28.18 40.09
C THR A 54 30.88 -26.78 39.54
N PRO A 55 29.99 -25.80 39.82
CA PRO A 55 30.26 -24.41 39.45
C PRO A 55 31.58 -23.87 39.95
N GLU A 56 31.97 -24.29 41.18
CA GLU A 56 33.19 -23.82 41.81
C GLU A 56 34.41 -24.35 41.08
N GLU A 57 34.43 -25.62 40.69
CA GLU A 57 35.54 -26.19 39.96
C GLU A 57 35.62 -25.58 38.55
N PHE A 58 34.48 -25.46 37.86
CA PHE A 58 34.49 -24.90 36.52
C PHE A 58 35.07 -23.50 36.55
N ARG A 59 34.65 -22.68 37.49
CA ARG A 59 35.20 -21.34 37.65
C ARG A 59 36.70 -21.35 37.89
N ARG A 60 37.16 -22.20 38.82
CA ARG A 60 38.60 -22.29 39.07
C ARG A 60 39.37 -22.58 37.78
N ASP A 61 38.83 -23.51 36.97
CA ASP A 61 39.44 -23.97 35.74
C ASP A 61 39.53 -22.83 34.72
N VAL A 62 38.44 -22.04 34.58
CA VAL A 62 38.45 -20.90 33.67
C VAL A 62 39.40 -19.82 34.13
N GLU A 63 39.37 -19.50 35.44
CA GLU A 63 40.19 -18.43 35.99
C GLU A 63 41.66 -18.84 36.02
N ALA A 64 41.97 -20.14 36.01
CA ALA A 64 43.35 -20.60 36.10
C ALA A 64 44.11 -20.20 34.84
N VAL A 65 43.39 -20.02 33.72
CA VAL A 65 44.04 -19.66 32.48
C VAL A 65 43.89 -18.18 32.19
N GLY A 66 43.39 -17.43 33.16
CA GLY A 66 43.31 -15.99 33.11
C GLY A 66 42.07 -15.46 32.40
N MET A 67 41.06 -16.32 32.14
CA MET A 67 39.84 -15.84 31.51
C MET A 67 38.73 -15.62 32.54
N LYS A 68 37.73 -14.83 32.16
CA LYS A 68 36.57 -14.56 33.00
C LYS A 68 35.44 -15.51 32.65
N VAL A 69 34.69 -15.98 33.67
CA VAL A 69 33.43 -16.65 33.46
C VAL A 69 32.35 -15.61 33.24
N LEU A 70 31.97 -15.35 31.98
CA LEU A 70 31.06 -14.25 31.75
C LEU A 70 29.60 -14.63 31.66
N SER A 71 29.27 -15.59 30.79
CA SER A 71 27.89 -15.88 30.47
C SER A 71 27.66 -17.37 30.26
N SER A 72 26.42 -17.75 30.00
CA SER A 72 26.00 -19.14 29.92
C SER A 72 24.68 -19.19 29.14
N HIS A 73 24.58 -20.17 28.25
CA HIS A 73 23.32 -20.50 27.59
C HIS A 73 22.61 -21.61 28.32
N CYS A 74 21.40 -21.33 28.76
CA CYS A 74 20.57 -22.34 29.41
C CYS A 74 19.14 -21.80 29.48
N GLY A 75 18.22 -22.69 29.76
CA GLY A 75 16.84 -22.27 29.97
C GLY A 75 15.93 -23.49 30.05
N LYS A 76 14.83 -23.34 30.74
CA LYS A 76 13.84 -24.37 30.93
C LYS A 76 12.59 -23.91 30.22
N GLY A 77 12.11 -24.73 29.29
CA GLY A 77 10.90 -24.38 28.56
C GLY A 77 9.65 -24.66 29.40
N LEU A 78 8.52 -24.03 29.06
CA LEU A 78 7.26 -24.31 29.74
C LEU A 78 6.60 -25.59 29.22
N SER A 79 5.91 -26.30 30.11
CA SER A 79 5.05 -27.41 29.71
C SER A 79 3.85 -26.87 28.93
N ASP A 80 3.06 -27.78 28.31
CA ASP A 80 1.83 -27.38 27.64
C ASP A 80 0.88 -26.81 28.69
N GLU A 81 0.80 -27.46 29.86
CA GLU A 81 -0.12 -27.00 30.89
C GLU A 81 0.32 -25.62 31.40
N GLU A 82 1.62 -25.43 31.61
CA GLU A 82 2.12 -24.18 32.14
C GLU A 82 1.91 -23.06 31.10
N LEU A 83 2.07 -23.38 29.82
CA LEU A 83 1.91 -22.39 28.77
C LEU A 83 0.44 -21.97 28.68
N ALA A 84 -0.49 -22.93 28.75
CA ALA A 84 -1.91 -22.62 28.70
C ALA A 84 -2.35 -21.90 29.99
N SER A 85 -1.80 -22.25 31.16
CA SER A 85 -2.27 -21.72 32.44
C SER A 85 -1.62 -20.39 32.85
N GLY A 86 -0.32 -20.18 32.54
CA GLY A 86 0.41 -19.04 33.05
C GLY A 86 0.95 -19.26 34.47
N ASP A 87 0.92 -20.51 34.94
CA ASP A 87 1.48 -20.84 36.24
C ASP A 87 2.86 -21.44 36.05
N PHE A 88 3.89 -20.69 36.48
CA PHE A 88 5.29 -21.01 36.23
C PHE A 88 5.96 -21.62 37.45
N SER A 89 5.22 -21.72 38.57
CA SER A 89 5.85 -21.87 39.87
C SER A 89 6.75 -23.10 39.88
N GLU A 90 6.39 -24.12 39.10
CA GLU A 90 7.19 -25.33 39.01
C GLU A 90 8.52 -24.99 38.32
N SER A 91 8.40 -24.31 37.17
CA SER A 91 9.57 -23.88 36.42
C SER A 91 10.45 -22.97 37.27
N MET A 92 9.86 -22.18 38.20
CA MET A 92 10.66 -21.21 38.93
C MET A 92 11.56 -21.88 39.99
N LYS A 93 11.27 -23.12 40.43
CA LYS A 93 12.18 -23.84 41.32
C LYS A 93 13.48 -24.24 40.62
N TRP A 94 13.35 -24.63 39.33
CA TRP A 94 14.50 -24.90 38.50
C TRP A 94 15.37 -23.65 38.41
N TRP A 95 14.73 -22.49 38.25
CA TRP A 95 15.46 -21.25 38.04
C TRP A 95 16.22 -20.82 39.31
N ASP A 96 15.63 -21.06 40.49
CA ASP A 96 16.33 -20.73 41.73
C ASP A 96 17.66 -21.46 41.80
N GLN A 97 17.68 -22.77 41.47
CA GLN A 97 18.91 -23.55 41.48
C GLN A 97 19.88 -23.03 40.41
N CYS A 98 19.33 -22.77 39.23
CA CYS A 98 20.12 -22.35 38.06
C CYS A 98 20.86 -21.06 38.37
N ILE A 99 20.11 -20.08 38.91
CA ILE A 99 20.64 -18.77 39.17
C ILE A 99 21.73 -18.91 40.21
N ALA A 100 21.49 -19.76 41.22
CA ALA A 100 22.47 -19.89 42.30
C ALA A 100 23.75 -20.55 41.79
N ALA A 101 23.57 -21.58 40.95
CA ALA A 101 24.73 -22.25 40.36
C ALA A 101 25.53 -21.29 39.49
N HIS A 102 24.84 -20.42 38.71
CA HIS A 102 25.54 -19.50 37.83
C HIS A 102 26.27 -18.44 38.65
N LYS A 103 25.67 -17.93 39.71
CA LYS A 103 26.33 -16.95 40.54
C LYS A 103 27.58 -17.56 41.17
N ALA A 104 27.49 -18.84 41.56
CA ALA A 104 28.63 -19.53 42.15
C ALA A 104 29.78 -19.65 41.16
N ALA A 105 29.46 -19.76 39.87
CA ALA A 105 30.45 -19.89 38.81
C ALA A 105 31.04 -18.55 38.40
N GLY A 106 30.56 -17.46 39.01
CA GLY A 106 31.04 -16.11 38.75
C GLY A 106 30.36 -15.40 37.56
N MET A 107 29.29 -15.97 37.04
CA MET A 107 28.63 -15.45 35.81
C MET A 107 28.04 -14.07 36.07
N GLU A 108 28.14 -13.24 35.04
CA GLU A 108 27.53 -11.91 35.02
C GLU A 108 26.16 -11.99 34.34
N TYR A 109 26.02 -12.90 33.35
CA TYR A 109 24.81 -12.99 32.54
C TYR A 109 24.33 -14.44 32.46
N ILE A 110 23.03 -14.64 32.29
CA ILE A 110 22.45 -15.91 31.88
C ILE A 110 21.61 -15.62 30.64
N VAL A 111 21.77 -16.41 29.58
CA VAL A 111 20.98 -16.16 28.36
C VAL A 111 20.25 -17.41 27.92
N THR A 112 18.95 -17.25 27.65
CA THR A 112 18.16 -18.35 27.13
C THR A 112 18.40 -18.44 25.61
N PRO A 113 18.79 -19.62 25.08
CA PRO A 113 19.19 -19.72 23.68
C PRO A 113 18.10 -19.85 22.64
N TYR A 114 16.89 -20.21 23.09
CA TYR A 114 15.82 -20.60 22.17
C TYR A 114 14.44 -20.61 22.82
N LEU A 115 13.49 -19.97 22.14
CA LEU A 115 12.05 -20.18 22.29
C LEU A 115 11.49 -20.40 20.89
N PRO A 116 10.50 -21.29 20.72
CA PRO A 116 9.90 -21.54 19.40
C PRO A 116 8.91 -20.44 19.11
N VAL A 117 8.57 -20.28 17.83
CA VAL A 117 7.59 -19.29 17.45
C VAL A 117 6.23 -19.78 17.98
N PRO A 118 5.59 -19.02 18.90
CA PRO A 118 4.30 -19.41 19.43
C PRO A 118 3.20 -19.27 18.37
N LYS A 119 2.15 -20.05 18.58
CA LYS A 119 1.03 -20.12 17.64
C LYS A 119 0.18 -18.85 17.78
N THR A 120 0.11 -18.27 18.98
CA THR A 120 -0.75 -17.13 19.23
C THR A 120 -0.01 -16.04 19.98
N LEU A 121 -0.57 -14.82 19.91
CA LEU A 121 -0.15 -13.69 20.72
C LEU A 121 -0.40 -13.95 22.20
N LYS A 122 -1.47 -14.67 22.56
CA LYS A 122 -1.66 -15.03 23.97
C LYS A 122 -0.48 -15.85 24.51
N GLU A 123 -0.05 -16.86 23.77
CA GLU A 123 1.10 -17.67 24.14
C GLU A 123 2.36 -16.83 24.25
N MET A 124 2.59 -15.98 23.25
CA MET A 124 3.74 -15.09 23.30
C MET A 124 3.70 -14.25 24.57
N GLN A 125 2.51 -13.70 24.92
CA GLN A 125 2.46 -12.87 26.11
C GLN A 125 2.83 -13.67 27.36
N THR A 126 2.35 -14.92 27.44
CA THR A 126 2.71 -15.79 28.56
C THR A 126 4.21 -15.99 28.61
N TYR A 127 4.82 -16.18 27.45
CA TYR A 127 6.26 -16.31 27.43
C TYR A 127 6.92 -15.03 27.95
N CYS A 128 6.39 -13.83 27.59
CA CYS A 128 6.92 -12.57 28.10
C CYS A 128 6.77 -12.41 29.62
N ASP A 129 5.65 -12.91 30.15
CA ASP A 129 5.43 -12.95 31.59
C ASP A 129 6.47 -13.83 32.27
N TYR A 130 6.80 -14.96 31.62
CA TYR A 130 7.82 -15.86 32.13
C TYR A 130 9.21 -15.21 32.07
N LEU A 131 9.54 -14.61 30.92
CA LEU A 131 10.84 -13.98 30.77
C LEU A 131 11.04 -12.87 31.80
N ASN A 132 9.99 -12.08 32.03
CA ASN A 132 10.03 -11.03 33.04
C ASN A 132 10.28 -11.62 34.42
N ALA A 133 9.61 -12.72 34.75
CA ALA A 133 9.77 -13.25 36.10
C ALA A 133 11.17 -13.83 36.29
N ILE A 134 11.70 -14.57 35.28
CA ILE A 134 13.06 -15.07 35.38
C ILE A 134 14.05 -13.93 35.56
N GLY A 135 13.91 -12.90 34.73
CA GLY A 135 14.84 -11.78 34.74
C GLY A 135 14.81 -11.02 36.07
N LYS A 136 13.64 -11.00 36.68
CA LYS A 136 13.51 -10.33 37.98
C LYS A 136 14.28 -11.12 39.04
N LYS A 137 14.12 -12.45 39.05
CA LYS A 137 14.90 -13.30 39.94
C LYS A 137 16.38 -13.17 39.67
N CYS A 138 16.81 -13.10 38.40
CA CYS A 138 18.23 -12.97 38.12
C CYS A 138 18.78 -11.67 38.71
N ARG A 139 18.02 -10.61 38.48
CA ARG A 139 18.38 -9.26 38.91
C ARG A 139 18.55 -9.20 40.43
N GLU A 140 17.63 -9.82 41.16
CA GLU A 140 17.73 -9.88 42.63
C GLU A 140 18.97 -10.64 43.07
N ALA A 141 19.51 -11.54 42.24
CA ALA A 141 20.76 -12.22 42.55
C ALA A 141 22.01 -11.57 41.96
N GLY A 142 21.86 -10.48 41.21
CA GLY A 142 23.02 -9.77 40.71
C GLY A 142 23.44 -10.23 39.30
N ILE A 143 22.52 -10.88 38.59
CA ILE A 143 22.80 -11.44 37.23
C ILE A 143 21.86 -10.76 36.24
N LYS A 144 22.40 -10.48 35.03
CA LYS A 144 21.59 -9.97 33.92
C LYS A 144 21.11 -11.13 33.05
N TYR A 145 19.79 -11.16 32.83
CA TYR A 145 19.12 -12.19 32.06
C TYR A 145 18.86 -11.68 30.66
N GLY A 146 19.14 -12.53 29.67
CA GLY A 146 18.95 -12.18 28.27
C GLY A 146 18.44 -13.34 27.42
N TYR A 147 18.13 -13.01 26.15
CA TYR A 147 17.61 -13.94 25.16
C TYR A 147 18.43 -13.85 23.86
N HIS A 148 18.77 -15.00 23.30
CA HIS A 148 19.59 -15.08 22.09
C HIS A 148 18.74 -15.59 20.93
N ASN A 149 18.72 -14.84 19.85
CA ASN A 149 17.91 -15.19 18.68
C ASN A 149 18.65 -16.08 17.69
N HIS A 150 17.85 -16.74 16.85
CA HIS A 150 18.28 -17.21 15.54
C HIS A 150 17.51 -16.41 14.47
N ALA A 151 17.05 -17.05 13.38
CA ALA A 151 16.34 -16.32 12.36
C ALA A 151 14.82 -16.33 12.56
N HIS A 152 14.31 -17.35 13.24
CA HIS A 152 12.87 -17.56 13.34
C HIS A 152 12.12 -16.45 14.07
N GLU A 153 12.82 -15.71 14.96
CA GLU A 153 12.19 -14.68 15.75
C GLU A 153 11.84 -13.46 14.88
N PHE A 154 12.30 -13.46 13.61
CA PHE A 154 11.92 -12.38 12.70
C PHE A 154 10.62 -12.73 11.97
N GLN A 155 10.04 -13.92 12.23
CA GLN A 155 8.70 -14.25 11.76
C GLN A 155 7.61 -13.55 12.57
N LYS A 156 6.42 -13.36 11.95
CA LYS A 156 5.27 -12.78 12.60
C LYS A 156 4.43 -13.84 13.31
N ILE A 157 3.79 -13.41 14.40
CA ILE A 157 2.87 -14.22 15.15
C ILE A 157 1.45 -13.80 14.74
N GLU A 158 0.67 -14.77 14.25
CA GLU A 158 -0.72 -14.52 13.87
C GLU A 158 -0.76 -13.40 12.82
N ASP A 159 0.28 -13.38 11.97
CA ASP A 159 0.51 -12.39 10.92
C ASP A 159 0.42 -10.97 11.46
N LYS A 160 0.75 -10.77 12.74
CA LYS A 160 0.70 -9.47 13.36
C LYS A 160 2.13 -9.13 13.78
N ALA A 161 2.42 -9.22 15.07
CA ALA A 161 3.67 -8.74 15.61
C ALA A 161 4.80 -9.66 15.18
N VAL A 162 5.97 -9.07 14.90
CA VAL A 162 7.19 -9.82 14.74
C VAL A 162 7.57 -10.31 16.12
N MET A 163 8.04 -11.56 16.20
CA MET A 163 8.28 -12.20 17.49
C MET A 163 9.32 -11.45 18.33
N LEU A 164 10.50 -11.13 17.77
CA LEU A 164 11.54 -10.48 18.56
C LEU A 164 11.04 -9.11 19.03
N ASP A 165 10.33 -8.36 18.17
CA ASP A 165 9.83 -7.03 18.52
C ASP A 165 8.87 -7.13 19.72
N TYR A 166 7.93 -8.07 19.63
CA TYR A 166 6.95 -8.27 20.69
C TYR A 166 7.64 -8.60 22.01
N MET A 167 8.67 -9.43 21.95
CA MET A 167 9.42 -9.82 23.16
C MET A 167 10.06 -8.59 23.77
N ILE A 168 10.74 -7.79 22.96
CA ILE A 168 11.44 -6.63 23.51
C ILE A 168 10.43 -5.64 24.10
N GLU A 169 9.34 -5.44 23.37
CA GLU A 169 8.32 -4.45 23.77
C GLU A 169 7.64 -4.84 25.08
N ASN A 170 7.49 -6.14 25.32
CA ASN A 170 6.69 -6.62 26.41
C ASN A 170 7.52 -7.29 27.52
N THR A 171 8.81 -6.93 27.58
CA THR A 171 9.66 -7.26 28.71
C THR A 171 10.26 -5.97 29.22
N ASP A 172 10.40 -5.92 30.54
CA ASP A 172 11.06 -4.76 31.14
C ASP A 172 12.53 -4.69 30.78
N PRO A 173 13.09 -3.50 30.49
CA PRO A 173 14.53 -3.38 30.20
C PRO A 173 15.44 -3.93 31.28
N GLU A 174 15.07 -3.81 32.56
CA GLU A 174 15.95 -4.27 33.62
C GLU A 174 15.82 -5.78 33.86
N ASN A 175 14.83 -6.43 33.24
CA ASN A 175 14.57 -7.87 33.38
C ASN A 175 15.14 -8.63 32.18
N LEU A 176 15.11 -8.05 30.98
CA LEU A 176 15.58 -8.79 29.81
C LEU A 176 16.35 -7.89 28.85
N PHE A 177 17.53 -8.37 28.39
CA PHE A 177 18.24 -7.80 27.24
C PHE A 177 18.32 -8.86 26.16
N ILE A 178 18.65 -8.43 24.95
CA ILE A 178 18.84 -9.34 23.83
C ILE A 178 20.33 -9.47 23.55
N GLU A 179 20.78 -10.74 23.49
CA GLU A 179 22.09 -11.08 23.00
C GLU A 179 21.93 -11.30 21.51
N LEU A 180 22.08 -10.22 20.74
CA LEU A 180 21.70 -10.25 19.33
C LEU A 180 22.76 -11.03 18.55
N ASP A 181 22.27 -12.05 17.84
CA ASP A 181 23.08 -12.77 16.90
C ASP A 181 22.97 -12.03 15.57
N VAL A 182 24.08 -11.38 15.21
CA VAL A 182 24.07 -10.50 14.05
C VAL A 182 23.97 -11.30 12.76
N TYR A 183 24.57 -12.49 12.72
CA TYR A 183 24.46 -13.29 11.51
C TYR A 183 23.04 -13.80 11.30
N TRP A 184 22.42 -14.33 12.34
CA TRP A 184 21.07 -14.86 12.20
C TRP A 184 20.08 -13.71 11.94
N ALA A 185 20.33 -12.51 12.46
CA ALA A 185 19.49 -11.36 12.11
C ALA A 185 19.54 -11.07 10.63
N VAL A 186 20.74 -11.10 10.05
CA VAL A 186 20.91 -10.87 8.61
C VAL A 186 20.19 -11.97 7.82
N MET A 187 20.36 -13.24 8.22
CA MET A 187 19.67 -14.36 7.59
C MET A 187 18.15 -14.22 7.67
N GLY A 188 17.66 -13.53 8.71
CA GLY A 188 16.25 -13.23 8.88
C GLY A 188 15.80 -11.96 8.14
N LYS A 189 16.71 -11.35 7.39
CA LYS A 189 16.47 -10.17 6.58
C LYS A 189 16.33 -8.92 7.45
N ALA A 190 16.87 -8.98 8.67
CA ALA A 190 16.83 -7.84 9.58
C ALA A 190 18.15 -7.07 9.53
N SER A 191 18.07 -5.75 9.70
CA SER A 191 19.24 -4.91 9.85
C SER A 191 19.63 -4.80 11.32
N PRO A 192 20.78 -5.30 11.79
CA PRO A 192 21.19 -5.09 13.18
C PRO A 192 21.13 -3.62 13.59
N VAL A 193 21.64 -2.72 12.75
CA VAL A 193 21.67 -1.31 13.13
C VAL A 193 20.27 -0.75 13.22
N ASP A 194 19.35 -1.18 12.36
CA ASP A 194 17.98 -0.66 12.49
C ASP A 194 17.34 -1.14 13.79
N TYR A 195 17.62 -2.40 14.19
CA TYR A 195 17.15 -2.90 15.49
C TYR A 195 17.75 -2.07 16.64
N PHE A 196 19.03 -1.76 16.59
CA PHE A 196 19.69 -0.96 17.60
C PHE A 196 18.97 0.38 17.80
N HIS A 197 18.56 1.01 16.68
CA HIS A 197 17.95 2.34 16.74
C HIS A 197 16.49 2.26 17.19
N LYS A 198 15.81 1.16 16.89
CA LYS A 198 14.44 0.96 17.29
C LYS A 198 14.31 0.65 18.78
N TYR A 199 15.33 -0.03 19.35
CA TYR A 199 15.27 -0.50 20.74
C TYR A 199 16.58 -0.12 21.42
N PRO A 200 16.88 1.18 21.56
CA PRO A 200 18.15 1.59 22.11
C PRO A 200 18.33 1.06 23.54
N GLY A 201 19.55 0.59 23.80
CA GLY A 201 19.98 0.15 25.11
C GLY A 201 19.67 -1.31 25.43
N ARG A 202 18.93 -2.02 24.59
CA ARG A 202 18.44 -3.36 24.94
C ARG A 202 19.40 -4.48 24.49
N PHE A 203 20.45 -4.14 23.74
CA PHE A 203 21.38 -5.14 23.18
C PHE A 203 22.70 -5.14 23.95
N LYS A 204 22.64 -5.70 25.15
CA LYS A 204 23.74 -5.59 26.10
C LYS A 204 24.90 -6.50 25.71
N MET A 205 24.61 -7.56 24.93
CA MET A 205 25.69 -8.37 24.41
C MET A 205 25.42 -8.64 22.93
N LEU A 206 26.49 -8.85 22.18
CA LEU A 206 26.36 -9.32 20.79
C LEU A 206 26.97 -10.69 20.67
N HIS A 207 26.33 -11.54 19.89
CA HIS A 207 26.99 -12.71 19.34
C HIS A 207 27.55 -12.29 17.98
N ILE A 208 28.87 -12.35 17.89
CA ILE A 208 29.66 -12.04 16.71
C ILE A 208 29.82 -13.38 16.01
N LYS A 209 29.04 -13.54 14.93
CA LYS A 209 28.87 -14.79 14.24
C LYS A 209 28.83 -14.43 12.76
N ASP A 210 29.37 -15.35 11.94
CA ASP A 210 29.38 -15.23 10.49
C ASP A 210 29.05 -16.61 9.95
N ARG A 211 29.14 -16.82 8.63
CA ARG A 211 28.85 -18.12 8.08
C ARG A 211 29.91 -19.11 8.57
N ARG A 212 31.16 -18.74 8.42
CA ARG A 212 32.27 -19.51 8.94
C ARG A 212 33.11 -18.60 9.81
N GLU A 213 34.39 -18.36 9.47
CA GLU A 213 35.24 -17.43 10.19
C GLU A 213 34.70 -16.01 10.18
N ILE A 214 34.86 -15.32 11.31
CA ILE A 214 34.34 -13.97 11.44
C ILE A 214 34.99 -13.03 10.43
N GLY A 215 34.12 -12.37 9.64
CA GLY A 215 34.57 -11.34 8.74
C GLY A 215 34.98 -11.86 7.38
N GLN A 216 34.72 -13.13 7.05
CA GLN A 216 35.21 -13.84 5.86
CA GLN A 216 35.25 -13.59 5.78
C GLN A 216 34.16 -13.80 4.73
N SER A 217 32.86 -13.80 5.09
CA SER A 217 31.85 -14.18 4.09
C SER A 217 31.40 -13.03 3.19
N GLY A 218 31.45 -11.79 3.69
CA GLY A 218 30.78 -10.68 3.01
C GLY A 218 29.31 -10.48 3.45
N MET A 219 28.79 -11.29 4.36
CA MET A 219 27.39 -11.27 4.72
C MET A 219 27.09 -10.47 5.98
N VAL A 220 28.10 -9.99 6.69
CA VAL A 220 27.82 -9.22 7.90
C VAL A 220 28.68 -7.96 7.92
N GLY A 221 28.01 -6.82 8.10
CA GLY A 221 28.66 -5.54 8.14
C GLY A 221 29.07 -5.17 9.56
N PHE A 222 30.15 -5.81 10.02
CA PHE A 222 30.67 -5.59 11.36
C PHE A 222 31.04 -4.14 11.59
N ASP A 223 31.61 -3.44 10.58
CA ASP A 223 31.94 -2.04 10.77
C ASP A 223 30.73 -1.23 11.24
N ALA A 224 29.57 -1.39 10.58
CA ALA A 224 28.39 -0.60 10.91
C ALA A 224 27.86 -1.01 12.29
N ILE A 225 27.96 -2.31 12.58
CA ILE A 225 27.45 -2.83 13.84
C ILE A 225 28.23 -2.21 15.01
N PHE A 226 29.56 -2.22 14.93
CA PHE A 226 30.39 -1.68 16.00
C PHE A 226 30.27 -0.16 16.08
N GLU A 227 30.04 0.53 14.96
CA GLU A 227 29.88 1.98 14.99
C GLU A 227 28.64 2.38 15.76
N ASN A 228 27.67 1.48 15.90
CA ASN A 228 26.41 1.79 16.57
C ASN A 228 26.28 1.09 17.93
N ALA A 229 27.38 0.55 18.45
CA ALA A 229 27.37 -0.26 19.66
C ALA A 229 26.93 0.56 20.88
N LYS A 230 27.19 1.89 20.87
CA LYS A 230 26.74 2.72 22.00
C LYS A 230 25.22 2.87 22.06
N THR A 231 24.57 3.27 20.98
CA THR A 231 23.12 3.25 20.90
C THR A 231 22.58 1.91 21.37
N ALA A 232 23.20 0.84 20.88
CA ALA A 232 22.71 -0.50 21.15
C ALA A 232 22.70 -0.83 22.64
N GLY A 233 23.70 -0.37 23.36
CA GLY A 233 23.91 -0.73 24.76
C GLY A 233 24.92 -1.87 24.97
N VAL A 234 25.79 -2.12 23.99
CA VAL A 234 26.70 -3.25 24.09
C VAL A 234 27.63 -3.10 25.30
N GLU A 235 27.72 -4.18 26.10
CA GLU A 235 28.67 -4.28 27.19
C GLU A 235 29.77 -5.31 26.94
N ASN A 236 29.44 -6.40 26.23
CA ASN A 236 30.38 -7.48 25.95
C ASN A 236 30.06 -8.07 24.57
N ILE A 237 31.09 -8.60 23.92
CA ILE A 237 30.94 -9.29 22.65
C ILE A 237 31.50 -10.69 22.78
N ILE A 238 30.78 -11.64 22.18
CA ILE A 238 31.09 -13.05 22.24
C ILE A 238 31.16 -13.61 20.83
N VAL A 239 32.30 -14.19 20.47
CA VAL A 239 32.44 -14.88 19.19
C VAL A 239 31.77 -16.23 19.24
N GLU A 240 31.13 -16.61 18.14
CA GLU A 240 30.65 -17.94 17.92
C GLU A 240 31.01 -18.38 16.51
N VAL A 241 31.56 -19.58 16.39
CA VAL A 241 31.87 -20.18 15.10
C VAL A 241 31.40 -21.62 15.16
N GLU A 242 30.57 -22.05 14.21
CA GLU A 242 29.93 -23.36 14.23
C GLU A 242 30.23 -24.17 12.97
N GLN A 243 30.68 -23.48 11.92
CA GLN A 243 31.10 -24.05 10.65
C GLN A 243 32.46 -23.47 10.32
N TYR A 244 33.32 -24.29 9.68
CA TYR A 244 34.74 -24.03 9.70
C TYR A 244 35.38 -24.32 8.33
N SER A 245 36.28 -23.41 7.94
CA SER A 245 37.03 -23.56 6.69
C SER A 245 38.30 -24.37 6.96
N TYR A 246 38.70 -24.41 8.23
CA TYR A 246 39.93 -25.02 8.72
C TYR A 246 39.65 -25.88 9.96
N ASP A 247 40.73 -26.41 10.57
CA ASP A 247 40.58 -27.08 11.85
C ASP A 247 39.98 -26.05 12.83
N VAL A 248 39.26 -26.56 13.83
CA VAL A 248 38.48 -25.70 14.71
C VAL A 248 39.33 -24.63 15.39
N GLU A 249 40.50 -24.98 15.94
CA GLU A 249 41.33 -24.02 16.62
C GLU A 249 41.79 -22.87 15.71
N LYS A 250 42.20 -23.19 14.47
CA LYS A 250 42.64 -22.16 13.57
C LYS A 250 41.43 -21.26 13.22
N SER A 251 40.27 -21.87 12.96
N SER A 251 40.27 -21.87 12.96
CA SER A 251 39.08 -21.11 12.58
CA SER A 251 39.08 -21.10 12.62
C SER A 251 38.71 -20.11 13.69
C SER A 251 38.76 -20.06 13.71
N VAL A 252 38.81 -20.50 14.97
N VAL A 252 38.81 -20.51 14.96
CA VAL A 252 38.40 -19.60 16.03
CA VAL A 252 38.44 -19.65 16.07
C VAL A 252 39.51 -18.59 16.32
C VAL A 252 39.51 -18.60 16.33
N LYS A 253 40.78 -18.94 16.04
CA LYS A 253 41.84 -17.97 16.17
C LYS A 253 41.78 -16.87 15.09
N LEU A 254 41.55 -17.28 13.84
CA LEU A 254 41.42 -16.33 12.73
C LEU A 254 40.27 -15.37 13.01
N SER A 255 39.23 -15.88 13.68
CA SER A 255 38.04 -15.10 13.99
C SER A 255 38.34 -14.03 15.01
N LEU A 256 39.07 -14.41 16.08
CA LEU A 256 39.59 -13.44 17.02
C LEU A 256 40.46 -12.41 16.33
N ASP A 257 41.36 -12.84 15.45
CA ASP A 257 42.32 -11.91 14.85
C ASP A 257 41.63 -10.85 13.99
N TYR A 258 40.53 -11.21 13.33
CA TYR A 258 39.79 -10.20 12.57
C TYR A 258 39.40 -9.07 13.51
N LEU A 259 38.87 -9.44 14.68
CA LEU A 259 38.40 -8.42 15.60
C LEU A 259 39.57 -7.64 16.23
N LEU A 260 40.70 -8.30 16.49
CA LEU A 260 41.82 -7.59 17.07
C LEU A 260 42.38 -6.55 16.08
N GLU A 261 42.34 -6.87 14.79
CA GLU A 261 42.87 -5.99 13.74
C GLU A 261 41.87 -4.89 13.35
N ALA A 262 40.58 -5.10 13.59
CA ALA A 262 39.55 -4.13 13.23
C ALA A 262 39.62 -2.89 14.12
N PRO A 263 39.86 -1.70 13.53
CA PRO A 263 39.90 -0.46 14.29
C PRO A 263 38.58 -0.04 14.93
N PHE A 264 37.46 -0.54 14.39
CA PHE A 264 36.15 -0.19 14.92
C PHE A 264 35.72 -1.01 16.14
N VAL A 265 36.52 -2.04 16.47
CA VAL A 265 36.31 -2.83 17.69
C VAL A 265 37.14 -2.20 18.79
N LYS A 266 36.47 -1.66 19.82
CA LYS A 266 37.11 -1.03 20.97
C LYS A 266 37.74 -2.10 21.88
N ALA A 267 38.64 -1.64 22.77
CA ALA A 267 39.34 -2.53 23.68
C ALA A 267 38.41 -3.09 24.74
N SER A 268 37.33 -2.37 25.07
CA SER A 268 36.38 -2.78 26.09
C SER A 268 35.03 -2.12 25.83
N TYR A 269 33.94 -2.82 26.15
CA TYR A 269 32.60 -2.25 26.10
C TYR A 269 31.98 -2.17 27.51
N SER A 270 32.65 -2.67 28.56
CA SER A 270 31.93 -2.96 29.81
C SER A 270 32.00 -1.79 30.80
N LYS B 1 -37.55 -14.79 -5.14
CA LYS B 1 -36.23 -15.40 -4.85
C LYS B 1 -35.22 -14.85 -5.85
N LYS B 2 -34.15 -14.30 -5.31
CA LYS B 2 -33.09 -13.75 -6.13
C LYS B 2 -31.76 -14.17 -5.53
N ASP B 3 -30.74 -14.35 -6.38
CA ASP B 3 -29.40 -14.69 -5.94
C ASP B 3 -28.70 -13.39 -5.48
N ILE B 4 -28.48 -13.27 -4.16
CA ILE B 4 -27.85 -12.10 -3.59
C ILE B 4 -26.85 -12.56 -2.55
N GLY B 5 -25.60 -12.10 -2.67
CA GLY B 5 -24.56 -12.42 -1.72
C GLY B 5 -24.44 -11.43 -0.57
N ILE B 6 -23.71 -11.85 0.47
CA ILE B 6 -23.38 -11.02 1.63
C ILE B 6 -21.90 -11.15 1.94
N GLN B 7 -21.24 -9.96 2.08
CA GLN B 7 -19.90 -9.87 2.59
C GLN B 7 -19.96 -10.10 4.10
N LEU B 8 -19.22 -11.08 4.58
CA LEU B 8 -19.24 -11.42 6.00
C LEU B 8 -18.59 -10.30 6.83
N TYR B 9 -17.88 -9.36 6.21
CA TYR B 9 -17.37 -8.24 6.99
C TYR B 9 -18.54 -7.45 7.57
N SER B 10 -19.70 -7.49 6.89
CA SER B 10 -20.91 -6.77 7.33
C SER B 10 -21.34 -7.25 8.73
N VAL B 11 -20.97 -8.46 9.12
CA VAL B 11 -21.35 -8.99 10.44
C VAL B 11 -20.11 -9.23 11.29
N ARG B 12 -19.09 -8.39 11.12
CA ARG B 12 -17.80 -8.57 11.78
C ARG B 12 -17.96 -8.42 13.28
N ASP B 13 -18.97 -7.67 13.73
CA ASP B 13 -19.21 -7.43 15.16
C ASP B 13 -19.65 -8.73 15.81
N LEU B 14 -20.26 -9.62 15.02
CA LEU B 14 -20.71 -10.90 15.51
C LEU B 14 -19.66 -11.99 15.25
N ILE B 15 -18.88 -11.96 14.15
CA ILE B 15 -17.99 -13.09 13.90
C ILE B 15 -16.51 -12.72 13.73
N GLY B 16 -16.16 -11.43 13.75
CA GLY B 16 -14.77 -11.01 13.58
C GLY B 16 -14.39 -10.83 12.10
N SER B 17 -13.12 -10.45 11.88
CA SER B 17 -12.64 -10.25 10.52
C SER B 17 -11.12 -10.13 10.48
N PHE B 18 -10.54 -10.52 9.33
CA PHE B 18 -9.12 -10.45 9.05
C PHE B 18 -8.32 -10.83 10.29
N GLY B 19 -8.67 -11.97 10.89
CA GLY B 19 -7.89 -12.61 11.95
C GLY B 19 -8.11 -12.00 13.33
N ARG B 20 -9.15 -11.18 13.53
CA ARG B 20 -9.33 -10.44 14.78
C ARG B 20 -10.75 -10.65 15.33
N ASN B 21 -10.88 -10.61 16.67
CA ASN B 21 -12.16 -10.61 17.38
C ASN B 21 -13.08 -11.75 16.89
N GLN B 22 -12.52 -12.96 16.81
CA GLN B 22 -13.15 -14.06 16.08
C GLN B 22 -13.96 -14.92 17.04
N HIS B 23 -15.17 -15.26 16.61
CA HIS B 23 -16.12 -16.05 17.39
C HIS B 23 -16.70 -17.13 16.46
N ASP B 24 -17.56 -17.98 17.02
CA ASP B 24 -18.25 -19.00 16.25
C ASP B 24 -19.12 -18.33 15.19
N TYR B 25 -18.85 -18.60 13.90
CA TYR B 25 -19.57 -17.94 12.82
C TYR B 25 -20.81 -18.73 12.42
N LYS B 26 -21.00 -19.97 12.93
CA LYS B 26 -22.11 -20.77 12.43
C LYS B 26 -23.47 -20.12 12.75
N PRO B 27 -23.68 -19.52 13.95
CA PRO B 27 -25.00 -18.93 14.18
C PRO B 27 -25.35 -17.79 13.24
N VAL B 28 -24.38 -16.96 12.87
CA VAL B 28 -24.67 -15.87 11.94
C VAL B 28 -24.91 -16.41 10.52
N LEU B 29 -24.19 -17.47 10.13
CA LEU B 29 -24.41 -18.08 8.83
C LEU B 29 -25.88 -18.48 8.75
N LYS B 30 -26.40 -19.10 9.83
CA LYS B 30 -27.77 -19.56 9.82
C LYS B 30 -28.72 -18.38 9.68
N ALA B 31 -28.46 -17.32 10.44
CA ALA B 31 -29.31 -16.14 10.39
C ALA B 31 -29.33 -15.55 8.98
N LEU B 32 -28.16 -15.47 8.33
CA LEU B 32 -28.06 -14.88 7.01
C LEU B 32 -28.81 -15.71 5.95
N ALA B 33 -28.67 -17.04 6.03
CA ALA B 33 -29.36 -17.93 5.12
C ALA B 33 -30.88 -17.84 5.32
N ASP B 34 -31.30 -17.79 6.58
CA ASP B 34 -32.72 -17.67 6.93
C ASP B 34 -33.33 -16.36 6.43
N MET B 35 -32.56 -15.26 6.41
CA MET B 35 -33.00 -14.00 5.87
C MET B 35 -33.26 -14.09 4.37
N GLY B 36 -32.49 -14.94 3.67
CA GLY B 36 -32.64 -15.12 2.24
C GLY B 36 -31.37 -14.82 1.41
N TYR B 37 -30.24 -14.55 2.07
CA TYR B 37 -28.99 -14.48 1.30
C TYR B 37 -28.66 -15.86 0.76
N THR B 38 -28.05 -15.89 -0.43
CA THR B 38 -27.77 -17.14 -1.13
C THR B 38 -26.29 -17.47 -1.28
N SER B 39 -25.38 -16.51 -1.03
CA SER B 39 -23.94 -16.74 -1.20
C SER B 39 -23.19 -15.88 -0.19
N ILE B 40 -21.94 -16.27 0.11
CA ILE B 40 -21.11 -15.45 0.99
C ILE B 40 -19.83 -15.02 0.26
N GLU B 41 -19.32 -13.86 0.69
CA GLU B 41 -17.94 -13.48 0.49
C GLU B 41 -17.23 -13.37 1.83
N ALA B 42 -16.18 -14.16 1.97
CA ALA B 42 -15.42 -14.20 3.22
C ALA B 42 -14.55 -12.97 3.41
N ALA B 43 -14.21 -12.69 4.67
CA ALA B 43 -13.32 -11.60 5.03
C ALA B 43 -12.40 -12.03 6.18
N SER B 44 -11.80 -13.22 6.06
CA SER B 44 -10.87 -13.69 7.09
C SER B 44 -10.07 -14.90 6.60
N TYR B 45 -9.02 -14.64 5.82
CA TYR B 45 -8.11 -15.66 5.34
C TYR B 45 -6.74 -15.42 5.97
N ASN B 46 -6.08 -16.51 6.40
CA ASN B 46 -4.72 -16.48 6.91
C ASN B 46 -4.18 -17.90 6.99
N ASP B 47 -2.96 -18.11 6.47
CA ASP B 47 -2.20 -19.34 6.64
C ASP B 47 -3.04 -20.57 6.33
N GLY B 48 -3.72 -20.53 5.18
CA GLY B 48 -4.44 -21.67 4.64
C GLY B 48 -5.82 -21.87 5.28
N LYS B 49 -6.28 -20.97 6.16
CA LYS B 49 -7.50 -21.15 6.93
C LYS B 49 -8.45 -19.96 6.74
N PHE B 50 -9.74 -20.25 6.96
CA PHE B 50 -10.83 -19.32 6.92
C PHE B 50 -11.43 -19.20 8.33
N TYR B 51 -11.42 -17.98 8.91
CA TYR B 51 -11.93 -17.79 10.27
C TYR B 51 -11.30 -18.84 11.22
N GLY B 52 -10.05 -19.22 10.96
CA GLY B 52 -9.30 -20.14 11.80
C GLY B 52 -9.63 -21.61 11.55
N ASN B 53 -10.51 -21.90 10.57
CA ASN B 53 -10.87 -23.27 10.23
C ASN B 53 -10.25 -23.72 8.91
N THR B 54 -10.23 -25.04 8.69
CA THR B 54 -9.69 -25.59 7.46
C THR B 54 -10.64 -25.22 6.31
N PRO B 55 -10.14 -25.18 5.08
CA PRO B 55 -11.00 -24.95 3.92
C PRO B 55 -12.16 -25.95 3.87
N GLU B 56 -11.89 -27.21 4.20
CA GLU B 56 -12.94 -28.23 4.22
C GLU B 56 -14.02 -27.96 5.26
N GLU B 57 -13.62 -27.60 6.50
CA GLU B 57 -14.59 -27.26 7.53
C GLU B 57 -15.43 -26.04 7.14
N PHE B 58 -14.78 -24.99 6.58
CA PHE B 58 -15.50 -23.79 6.23
C PHE B 58 -16.56 -24.08 5.15
N ARG B 59 -16.13 -24.80 4.12
CA ARG B 59 -17.04 -25.23 3.05
C ARG B 59 -18.21 -26.02 3.63
N ARG B 60 -17.93 -27.00 4.50
CA ARG B 60 -19.00 -27.80 5.08
C ARG B 60 -19.99 -26.91 5.84
N ASP B 61 -19.45 -25.93 6.59
CA ASP B 61 -20.28 -25.06 7.42
C ASP B 61 -21.18 -24.17 6.57
N VAL B 62 -20.62 -23.58 5.49
CA VAL B 62 -21.43 -22.75 4.62
C VAL B 62 -22.45 -23.58 3.85
N GLU B 63 -22.02 -24.74 3.34
CA GLU B 63 -22.96 -25.61 2.61
C GLU B 63 -24.09 -26.08 3.55
N ALA B 64 -23.78 -26.25 4.84
CA ALA B 64 -24.78 -26.79 5.78
C ALA B 64 -25.99 -25.88 5.87
N VAL B 65 -25.80 -24.56 5.69
CA VAL B 65 -26.93 -23.63 5.76
C VAL B 65 -27.49 -23.30 4.38
N GLY B 66 -26.98 -23.97 3.36
CA GLY B 66 -27.54 -23.80 2.03
C GLY B 66 -27.11 -22.53 1.32
N MET B 67 -25.92 -22.00 1.60
CA MET B 67 -25.41 -20.84 0.87
C MET B 67 -24.18 -21.21 -0.01
N LYS B 68 -23.94 -20.45 -1.09
CA LYS B 68 -22.81 -20.66 -1.98
C LYS B 68 -21.51 -20.11 -1.35
N VAL B 69 -20.46 -20.92 -1.36
CA VAL B 69 -19.11 -20.51 -1.02
C VAL B 69 -18.54 -19.76 -2.24
N LEU B 70 -18.80 -18.47 -2.34
CA LEU B 70 -18.64 -17.80 -3.63
C LEU B 70 -17.28 -17.09 -3.74
N SER B 71 -16.93 -16.21 -2.78
CA SER B 71 -15.81 -15.32 -2.94
C SER B 71 -15.11 -15.10 -1.59
N SER B 72 -13.96 -14.41 -1.64
CA SER B 72 -13.12 -14.19 -0.46
C SER B 72 -12.30 -12.92 -0.67
N HIS B 73 -12.22 -12.06 0.34
CA HIS B 73 -11.31 -10.91 0.34
C HIS B 73 -10.02 -11.31 1.03
N CYS B 74 -8.92 -11.21 0.30
CA CYS B 74 -7.63 -11.43 0.89
C CYS B 74 -6.56 -10.88 -0.04
N GLY B 75 -5.33 -10.91 0.44
CA GLY B 75 -4.27 -10.36 -0.37
C GLY B 75 -3.13 -9.89 0.51
N LYS B 76 -2.09 -9.55 -0.21
CA LYS B 76 -0.80 -9.25 0.34
C LYS B 76 -0.27 -8.15 -0.54
N GLY B 77 -0.07 -6.97 0.02
CA GLY B 77 0.47 -5.86 -0.76
C GLY B 77 1.98 -6.00 -0.94
N LEU B 78 2.55 -5.09 -1.72
CA LEU B 78 3.99 -5.03 -1.92
C LEU B 78 4.65 -4.13 -0.89
N SER B 79 5.83 -4.57 -0.46
CA SER B 79 6.60 -3.75 0.45
C SER B 79 7.18 -2.56 -0.30
N ASP B 80 7.62 -1.55 0.45
CA ASP B 80 8.33 -0.39 -0.06
C ASP B 80 9.59 -0.83 -0.82
N GLU B 81 10.27 -1.84 -0.28
CA GLU B 81 11.44 -2.38 -0.95
C GLU B 81 11.07 -2.97 -2.30
N GLU B 82 10.03 -3.80 -2.35
CA GLU B 82 9.57 -4.37 -3.62
C GLU B 82 9.16 -3.30 -4.63
N LEU B 83 8.47 -2.24 -4.19
CA LEU B 83 8.06 -1.17 -5.10
C LEU B 83 9.29 -0.42 -5.62
N ALA B 84 10.33 -0.27 -4.78
CA ALA B 84 11.54 0.46 -5.19
C ALA B 84 12.36 -0.35 -6.18
N SER B 85 12.43 -1.68 -5.99
CA SER B 85 13.23 -2.57 -6.84
C SER B 85 12.49 -2.98 -8.10
N GLY B 86 11.16 -2.99 -8.04
CA GLY B 86 10.36 -3.54 -9.10
C GLY B 86 10.17 -5.07 -9.06
N ASP B 87 10.84 -5.74 -8.12
CA ASP B 87 10.90 -7.20 -8.08
C ASP B 87 9.98 -7.66 -6.95
N PHE B 88 8.85 -8.31 -7.32
CA PHE B 88 7.86 -8.84 -6.37
C PHE B 88 7.96 -10.36 -6.24
N SER B 89 9.08 -10.98 -6.67
CA SER B 89 9.15 -12.43 -6.70
C SER B 89 8.92 -13.03 -5.32
N GLU B 90 9.27 -12.35 -4.23
CA GLU B 90 9.17 -12.92 -2.89
C GLU B 90 7.68 -13.04 -2.46
N SER B 91 6.81 -12.23 -3.06
CA SER B 91 5.39 -12.21 -2.71
C SER B 91 4.59 -13.37 -3.28
N MET B 92 5.14 -14.18 -4.20
CA MET B 92 4.36 -15.08 -5.03
C MET B 92 4.09 -16.43 -4.34
N LYS B 93 5.01 -16.95 -3.50
CA LYS B 93 4.76 -18.26 -2.90
C LYS B 93 3.55 -18.23 -1.95
N TRP B 94 3.33 -17.10 -1.23
CA TRP B 94 2.16 -16.92 -0.40
C TRP B 94 0.90 -17.19 -1.21
N TRP B 95 0.93 -16.81 -2.49
CA TRP B 95 -0.25 -16.94 -3.32
C TRP B 95 -0.53 -18.40 -3.67
N ASP B 96 0.49 -19.26 -3.79
CA ASP B 96 0.21 -20.65 -4.11
C ASP B 96 -0.62 -21.30 -3.00
N GLN B 97 -0.26 -21.07 -1.75
CA GLN B 97 -0.97 -21.58 -0.60
C GLN B 97 -2.40 -20.99 -0.57
N CYS B 98 -2.51 -19.67 -0.78
CA CYS B 98 -3.82 -19.02 -0.76
C CYS B 98 -4.76 -19.63 -1.79
N ILE B 99 -4.30 -19.77 -3.04
CA ILE B 99 -5.10 -20.27 -4.12
C ILE B 99 -5.55 -21.71 -3.84
N ALA B 100 -4.62 -22.53 -3.33
CA ALA B 100 -4.95 -23.93 -3.03
C ALA B 100 -6.02 -23.98 -1.95
N ALA B 101 -5.92 -23.13 -0.93
CA ALA B 101 -6.90 -23.11 0.15
C ALA B 101 -8.28 -22.70 -0.36
N HIS B 102 -8.32 -21.72 -1.27
CA HIS B 102 -9.56 -21.25 -1.86
C HIS B 102 -10.18 -22.35 -2.73
N LYS B 103 -9.35 -23.05 -3.49
CA LYS B 103 -9.86 -24.11 -4.33
C LYS B 103 -10.47 -25.23 -3.47
N ALA B 104 -9.80 -25.56 -2.35
CA ALA B 104 -10.33 -26.59 -1.46
C ALA B 104 -11.67 -26.18 -0.85
N ALA B 105 -11.90 -24.87 -0.64
CA ALA B 105 -13.14 -24.35 -0.11
C ALA B 105 -14.25 -24.27 -1.14
N GLY B 106 -13.91 -24.40 -2.42
CA GLY B 106 -14.89 -24.35 -3.50
C GLY B 106 -15.08 -22.96 -4.10
N MET B 107 -14.27 -22.00 -3.70
CA MET B 107 -14.47 -20.61 -4.10
C MET B 107 -14.44 -20.41 -5.62
N GLU B 108 -15.28 -19.49 -6.13
CA GLU B 108 -15.26 -19.06 -7.53
C GLU B 108 -14.28 -17.91 -7.79
N TYR B 109 -14.20 -17.01 -6.79
CA TYR B 109 -13.43 -15.79 -6.93
C TYR B 109 -12.49 -15.59 -5.72
N ILE B 110 -11.34 -14.93 -5.94
CA ILE B 110 -10.51 -14.32 -4.92
C ILE B 110 -10.40 -12.84 -5.26
N VAL B 111 -10.62 -11.96 -4.28
CA VAL B 111 -10.61 -10.53 -4.51
C VAL B 111 -9.68 -9.84 -3.50
N THR B 112 -8.75 -9.03 -4.01
CA THR B 112 -7.89 -8.23 -3.15
C THR B 112 -8.65 -6.99 -2.77
N PRO B 113 -8.79 -6.66 -1.47
CA PRO B 113 -9.69 -5.55 -1.08
C PRO B 113 -9.17 -4.12 -1.14
N TYR B 114 -7.84 -3.98 -1.20
CA TYR B 114 -7.14 -2.71 -1.03
C TYR B 114 -5.69 -2.76 -1.53
N LEU B 115 -5.31 -1.76 -2.34
CA LEU B 115 -3.93 -1.36 -2.57
C LEU B 115 -3.88 0.16 -2.44
N PRO B 116 -2.80 0.72 -1.88
CA PRO B 116 -2.67 2.19 -1.75
C PRO B 116 -2.41 2.87 -3.08
N VAL B 117 -2.64 4.19 -3.17
CA VAL B 117 -2.30 4.92 -4.38
C VAL B 117 -0.78 5.02 -4.40
N PRO B 118 -0.11 4.55 -5.45
CA PRO B 118 1.34 4.72 -5.53
C PRO B 118 1.69 6.15 -5.90
N LYS B 119 2.91 6.53 -5.54
CA LYS B 119 3.40 7.87 -5.85
C LYS B 119 3.74 8.07 -7.33
N THR B 120 4.19 7.01 -8.05
CA THR B 120 4.60 7.10 -9.44
C THR B 120 3.89 6.10 -10.35
N LEU B 121 3.86 6.43 -11.65
CA LEU B 121 3.31 5.54 -12.66
C LEU B 121 4.17 4.28 -12.74
N LYS B 122 5.47 4.41 -12.48
CA LYS B 122 6.31 3.21 -12.49
C LYS B 122 5.89 2.20 -11.43
N GLU B 123 5.63 2.70 -10.22
CA GLU B 123 5.14 1.86 -9.14
C GLU B 123 3.80 1.25 -9.51
N MET B 124 2.92 2.05 -10.13
CA MET B 124 1.59 1.55 -10.46
C MET B 124 1.74 0.40 -11.47
N GLN B 125 2.66 0.52 -12.42
CA GLN B 125 2.90 -0.54 -13.37
C GLN B 125 3.43 -1.81 -12.68
N THR B 126 4.26 -1.65 -11.64
CA THR B 126 4.66 -2.80 -10.84
C THR B 126 3.44 -3.50 -10.22
N TYR B 127 2.52 -2.73 -9.64
CA TYR B 127 1.27 -3.33 -9.17
C TYR B 127 0.54 -4.09 -10.28
N CYS B 128 0.45 -3.56 -11.50
CA CYS B 128 -0.21 -4.22 -12.61
C CYS B 128 0.45 -5.54 -13.01
N ASP B 129 1.77 -5.55 -12.97
CA ASP B 129 2.54 -6.77 -13.18
C ASP B 129 2.22 -7.83 -12.13
N TYR B 130 2.12 -7.41 -10.87
CA TYR B 130 1.79 -8.30 -9.76
C TYR B 130 0.36 -8.82 -9.90
N LEU B 131 -0.58 -7.91 -10.14
CA LEU B 131 -1.96 -8.34 -10.31
C LEU B 131 -2.11 -9.34 -11.46
N ASN B 132 -1.47 -9.09 -12.62
CA ASN B 132 -1.50 -10.05 -13.71
C ASN B 132 -0.92 -11.41 -13.31
N ALA B 133 0.19 -11.38 -12.58
CA ALA B 133 0.85 -12.62 -12.18
C ALA B 133 -0.09 -13.42 -11.26
N ILE B 134 -0.68 -12.74 -10.26
CA ILE B 134 -1.60 -13.41 -9.34
C ILE B 134 -2.77 -13.98 -10.14
N GLY B 135 -3.33 -13.16 -11.02
CA GLY B 135 -4.54 -13.55 -11.73
C GLY B 135 -4.31 -14.76 -12.65
N LYS B 136 -3.14 -14.82 -13.25
CA LYS B 136 -2.83 -15.97 -14.11
C LYS B 136 -2.75 -17.23 -13.25
N LYS B 137 -2.15 -17.14 -12.08
CA LYS B 137 -2.10 -18.30 -11.20
C LYS B 137 -3.52 -18.73 -10.84
N CYS B 138 -4.35 -17.74 -10.48
CA CYS B 138 -5.73 -18.04 -10.14
C CYS B 138 -6.39 -18.78 -11.29
N ARG B 139 -6.24 -18.26 -12.52
CA ARG B 139 -6.94 -18.80 -13.67
C ARG B 139 -6.50 -20.24 -13.92
N GLU B 140 -5.22 -20.53 -13.67
CA GLU B 140 -4.70 -21.87 -13.91
C GLU B 140 -5.32 -22.83 -12.92
N ALA B 141 -5.78 -22.32 -11.76
CA ALA B 141 -6.48 -23.12 -10.74
C ALA B 141 -8.01 -23.09 -10.87
N GLY B 142 -8.56 -22.41 -11.88
CA GLY B 142 -9.98 -22.34 -12.11
C GLY B 142 -10.68 -21.33 -11.21
N ILE B 143 -9.94 -20.29 -10.77
CA ILE B 143 -10.48 -19.25 -9.90
C ILE B 143 -10.32 -17.90 -10.59
N LYS B 144 -11.32 -17.05 -10.44
CA LYS B 144 -11.24 -15.72 -11.05
C LYS B 144 -10.76 -14.71 -9.99
N TYR B 145 -9.67 -13.98 -10.30
CA TYR B 145 -9.09 -12.98 -9.43
C TYR B 145 -9.59 -11.58 -9.81
N GLY B 146 -9.94 -10.81 -8.76
CA GLY B 146 -10.35 -9.43 -8.96
C GLY B 146 -9.84 -8.49 -7.87
N TYR B 147 -10.14 -7.22 -8.13
CA TYR B 147 -9.76 -6.11 -7.26
C TYR B 147 -11.02 -5.34 -6.85
N HIS B 148 -11.11 -5.00 -5.55
CA HIS B 148 -12.17 -4.17 -4.98
C HIS B 148 -11.62 -2.78 -4.65
N ASN B 149 -12.32 -1.77 -5.12
CA ASN B 149 -11.95 -0.36 -4.89
C ASN B 149 -12.58 0.23 -3.62
N HIS B 150 -11.93 1.26 -3.07
CA HIS B 150 -12.60 2.23 -2.23
C HIS B 150 -12.70 3.54 -3.03
N ALA B 151 -12.47 4.73 -2.41
CA ALA B 151 -12.57 5.97 -3.14
C ALA B 151 -11.21 6.46 -3.67
N HIS B 152 -10.11 6.08 -3.01
CA HIS B 152 -8.81 6.63 -3.32
C HIS B 152 -8.34 6.26 -4.74
N GLU B 153 -8.85 5.17 -5.33
CA GLU B 153 -8.39 4.74 -6.62
C GLU B 153 -8.94 5.68 -7.72
N PHE B 154 -9.77 6.68 -7.38
CA PHE B 154 -10.18 7.64 -8.37
C PHE B 154 -9.26 8.85 -8.39
N GLN B 155 -8.28 8.91 -7.49
CA GLN B 155 -7.23 9.93 -7.60
C GLN B 155 -6.33 9.63 -8.79
N LYS B 156 -5.62 10.70 -9.22
CA LYS B 156 -4.62 10.59 -10.26
C LYS B 156 -3.24 10.33 -9.69
N ILE B 157 -2.43 9.66 -10.50
CA ILE B 157 -1.04 9.40 -10.25
C ILE B 157 -0.21 10.33 -11.16
N GLU B 158 0.65 11.13 -10.54
CA GLU B 158 1.53 12.06 -11.26
C GLU B 158 0.68 13.01 -12.09
N ASP B 159 -0.52 13.30 -11.60
CA ASP B 159 -1.47 14.16 -12.29
C ASP B 159 -1.68 13.69 -13.73
N LYS B 160 -1.50 12.40 -13.99
CA LYS B 160 -1.83 11.89 -15.30
C LYS B 160 -2.98 10.89 -15.11
N ALA B 161 -2.64 9.65 -14.84
CA ALA B 161 -3.59 8.55 -14.97
C ALA B 161 -4.39 8.38 -13.67
N VAL B 162 -5.70 8.19 -13.79
CA VAL B 162 -6.50 7.77 -12.66
C VAL B 162 -6.14 6.32 -12.33
N MET B 163 -5.93 6.02 -11.05
CA MET B 163 -5.37 4.75 -10.64
C MET B 163 -6.24 3.57 -11.10
N LEU B 164 -7.56 3.63 -10.90
CA LEU B 164 -8.39 2.48 -11.28
C LEU B 164 -8.35 2.27 -12.78
N ASP B 165 -8.37 3.36 -13.53
CA ASP B 165 -8.35 3.22 -14.98
C ASP B 165 -7.02 2.61 -15.42
N TYR B 166 -5.92 3.11 -14.86
CA TYR B 166 -4.60 2.55 -15.20
C TYR B 166 -4.60 1.04 -14.95
N MET B 167 -5.12 0.62 -13.81
CA MET B 167 -5.19 -0.79 -13.42
C MET B 167 -6.01 -1.61 -14.43
N ILE B 168 -7.18 -1.14 -14.82
CA ILE B 168 -7.99 -1.87 -15.77
C ILE B 168 -7.27 -1.95 -17.13
N GLU B 169 -6.74 -0.81 -17.55
CA GLU B 169 -6.12 -0.73 -18.88
C GLU B 169 -4.93 -1.66 -18.97
N ASN B 170 -4.19 -1.84 -17.87
CA ASN B 170 -2.91 -2.51 -17.89
C ASN B 170 -2.95 -3.88 -17.18
N THR B 171 -4.14 -4.48 -17.12
CA THR B 171 -4.28 -5.88 -16.74
C THR B 171 -5.12 -6.59 -17.80
N ASP B 172 -4.81 -7.88 -18.00
CA ASP B 172 -5.56 -8.66 -18.96
C ASP B 172 -6.92 -9.03 -18.39
N PRO B 173 -7.98 -8.91 -19.18
CA PRO B 173 -9.32 -9.27 -18.70
C PRO B 173 -9.43 -10.67 -18.10
N GLU B 174 -8.70 -11.66 -18.62
CA GLU B 174 -8.84 -13.01 -18.09
C GLU B 174 -8.04 -13.18 -16.80
N ASN B 175 -7.18 -12.20 -16.43
CA ASN B 175 -6.40 -12.25 -15.21
C ASN B 175 -7.05 -11.42 -14.09
N LEU B 176 -7.76 -10.34 -14.40
CA LEU B 176 -8.29 -9.47 -13.34
C LEU B 176 -9.61 -8.86 -13.78
N PHE B 177 -10.62 -8.98 -12.92
CA PHE B 177 -11.87 -8.26 -13.03
C PHE B 177 -11.92 -7.27 -11.87
N ILE B 178 -12.85 -6.32 -11.94
CA ILE B 178 -13.05 -5.36 -10.85
C ILE B 178 -14.33 -5.72 -10.14
N GLU B 179 -14.25 -5.83 -8.81
CA GLU B 179 -15.42 -5.89 -7.96
C GLU B 179 -15.78 -4.48 -7.56
N LEU B 180 -16.60 -3.84 -8.37
CA LEU B 180 -16.80 -2.40 -8.23
C LEU B 180 -17.71 -2.11 -7.03
N ASP B 181 -17.17 -1.37 -6.07
CA ASP B 181 -17.94 -0.84 -4.95
C ASP B 181 -18.58 0.45 -5.42
N VAL B 182 -19.89 0.41 -5.65
CA VAL B 182 -20.58 1.53 -6.22
C VAL B 182 -20.68 2.74 -5.28
N TYR B 183 -20.77 2.54 -3.96
CA TYR B 183 -20.78 3.67 -3.06
C TYR B 183 -19.46 4.42 -3.10
N TRP B 184 -18.37 3.67 -2.96
CA TRP B 184 -17.07 4.32 -2.94
C TRP B 184 -16.76 4.99 -4.30
N ALA B 185 -17.27 4.44 -5.40
CA ALA B 185 -17.15 5.12 -6.68
C ALA B 185 -17.82 6.50 -6.67
N VAL B 186 -19.07 6.54 -6.16
CA VAL B 186 -19.79 7.80 -6.03
C VAL B 186 -19.05 8.76 -5.09
N MET B 187 -18.52 8.27 -3.97
CA MET B 187 -17.74 9.10 -3.04
C MET B 187 -16.48 9.64 -3.73
N GLY B 188 -15.99 8.90 -4.72
CA GLY B 188 -14.84 9.34 -5.50
C GLY B 188 -15.19 10.23 -6.70
N LYS B 189 -16.50 10.61 -6.82
CA LYS B 189 -17.01 11.48 -7.89
C LYS B 189 -17.05 10.74 -9.24
N ALA B 190 -17.10 9.44 -9.21
CA ALA B 190 -17.16 8.62 -10.42
C ALA B 190 -18.58 8.15 -10.65
N SER B 191 -18.89 8.00 -11.94
CA SER B 191 -20.15 7.46 -12.39
C SER B 191 -19.98 5.95 -12.60
N PRO B 192 -20.66 5.07 -11.87
CA PRO B 192 -20.56 3.63 -12.19
C PRO B 192 -20.91 3.28 -13.63
N VAL B 193 -21.95 3.93 -14.15
CA VAL B 193 -22.42 3.61 -15.47
C VAL B 193 -21.40 4.02 -16.53
N ASP B 194 -20.78 5.20 -16.38
CA ASP B 194 -19.74 5.66 -17.31
C ASP B 194 -18.56 4.70 -17.27
N TYR B 195 -18.20 4.19 -16.09
CA TYR B 195 -17.14 3.19 -16.04
C TYR B 195 -17.51 1.90 -16.73
N PHE B 196 -18.73 1.42 -16.56
CA PHE B 196 -19.23 0.24 -17.26
C PHE B 196 -19.11 0.37 -18.78
N HIS B 197 -19.43 1.56 -19.31
CA HIS B 197 -19.36 1.75 -20.74
C HIS B 197 -17.93 1.92 -21.22
N LYS B 198 -17.03 2.45 -20.39
CA LYS B 198 -15.64 2.61 -20.80
C LYS B 198 -14.90 1.27 -20.79
N TYR B 199 -15.29 0.33 -19.94
CA TYR B 199 -14.63 -0.96 -19.75
C TYR B 199 -15.62 -2.10 -19.75
N PRO B 200 -16.35 -2.32 -20.87
CA PRO B 200 -17.36 -3.36 -20.88
C PRO B 200 -16.77 -4.72 -20.56
N GLY B 201 -17.52 -5.44 -19.70
CA GLY B 201 -17.25 -6.80 -19.35
C GLY B 201 -16.28 -6.98 -18.20
N ARG B 202 -15.66 -5.88 -17.72
CA ARG B 202 -14.63 -6.05 -16.68
C ARG B 202 -15.21 -6.11 -15.25
N PHE B 203 -16.47 -5.79 -15.05
CA PHE B 203 -17.06 -5.66 -13.72
C PHE B 203 -17.90 -6.91 -13.39
N LYS B 204 -17.23 -8.02 -13.13
CA LYS B 204 -17.87 -9.32 -12.97
C LYS B 204 -18.58 -9.44 -11.63
N MET B 205 -18.22 -8.61 -10.63
CA MET B 205 -19.02 -8.57 -9.41
C MET B 205 -19.23 -7.10 -9.04
N LEU B 206 -20.33 -6.82 -8.39
CA LEU B 206 -20.55 -5.55 -7.71
C LEU B 206 -20.60 -5.73 -6.21
N HIS B 207 -20.00 -4.76 -5.52
CA HIS B 207 -20.31 -4.53 -4.12
C HIS B 207 -21.44 -3.51 -4.06
N ILE B 208 -22.60 -4.02 -3.64
CA ILE B 208 -23.80 -3.25 -3.44
C ILE B 208 -23.69 -2.70 -2.02
N LYS B 209 -23.25 -1.44 -1.95
CA LYS B 209 -22.97 -0.76 -0.70
C LYS B 209 -23.58 0.63 -0.77
N ASP B 210 -23.90 1.20 0.41
CA ASP B 210 -24.49 2.52 0.53
C ASP B 210 -23.86 3.11 1.80
N ARG B 211 -24.32 4.30 2.23
CA ARG B 211 -23.79 4.88 3.44
C ARG B 211 -24.08 3.96 4.65
N ARG B 212 -25.35 3.57 4.78
CA ARG B 212 -25.83 2.59 5.75
C ARG B 212 -26.63 1.52 5.03
N GLU B 213 -27.91 1.34 5.35
CA GLU B 213 -28.72 0.33 4.67
C GLU B 213 -28.79 0.61 3.17
N ILE B 214 -28.81 -0.46 2.40
CA ILE B 214 -28.84 -0.36 0.95
C ILE B 214 -30.11 0.38 0.51
N GLY B 215 -29.93 1.42 -0.30
CA GLY B 215 -31.03 2.10 -0.94
C GLY B 215 -31.65 3.19 -0.07
N GLN B 216 -31.05 3.52 1.09
CA GLN B 216 -31.62 4.41 2.12
CA GLN B 216 -31.76 4.45 1.95
C GLN B 216 -31.18 5.88 1.94
N SER B 217 -29.94 6.11 1.43
CA SER B 217 -29.28 7.41 1.57
C SER B 217 -29.67 8.47 0.51
N GLY B 218 -30.05 8.03 -0.70
CA GLY B 218 -30.19 8.94 -1.83
C GLY B 218 -28.88 9.18 -2.58
N MET B 219 -27.78 8.54 -2.18
CA MET B 219 -26.47 8.79 -2.77
C MET B 219 -26.10 7.77 -3.85
N VAL B 220 -26.83 6.68 -4.04
CA VAL B 220 -26.43 5.71 -5.07
C VAL B 220 -27.63 5.40 -5.97
N GLY B 221 -27.41 5.49 -7.31
CA GLY B 221 -28.44 5.22 -8.30
C GLY B 221 -28.46 3.74 -8.66
N PHE B 222 -28.93 2.89 -7.78
CA PHE B 222 -28.96 1.47 -8.05
C PHE B 222 -29.77 1.14 -9.31
N ASP B 223 -30.86 1.87 -9.57
CA ASP B 223 -31.63 1.61 -10.78
C ASP B 223 -30.79 1.67 -12.06
N ALA B 224 -30.03 2.75 -12.22
CA ALA B 224 -29.18 2.89 -13.39
C ALA B 224 -28.07 1.84 -13.40
N ILE B 225 -27.49 1.56 -12.24
CA ILE B 225 -26.42 0.58 -12.18
C ILE B 225 -26.94 -0.78 -12.70
N PHE B 226 -28.10 -1.20 -12.20
CA PHE B 226 -28.63 -2.51 -12.59
C PHE B 226 -29.12 -2.55 -14.03
N GLU B 227 -29.55 -1.41 -14.58
CA GLU B 227 -29.97 -1.26 -15.96
C GLU B 227 -28.80 -1.50 -16.91
N ASN B 228 -27.57 -1.28 -16.42
CA ASN B 228 -26.36 -1.37 -17.20
C ASN B 228 -25.51 -2.58 -16.82
N ALA B 229 -26.07 -3.55 -16.10
CA ALA B 229 -25.33 -4.68 -15.55
C ALA B 229 -24.79 -5.61 -16.63
N LYS B 230 -25.52 -5.72 -17.76
CA LYS B 230 -25.10 -6.60 -18.84
C LYS B 230 -23.86 -6.06 -19.54
N THR B 231 -23.86 -4.79 -19.94
CA THR B 231 -22.65 -4.11 -20.40
C THR B 231 -21.52 -4.35 -19.41
N ALA B 232 -21.80 -4.16 -18.13
CA ALA B 232 -20.74 -4.23 -17.14
C ALA B 232 -20.06 -5.60 -17.11
N GLY B 233 -20.85 -6.67 -17.33
CA GLY B 233 -20.36 -8.03 -17.15
C GLY B 233 -20.71 -8.69 -15.81
N VAL B 234 -21.69 -8.15 -15.08
CA VAL B 234 -21.99 -8.62 -13.73
C VAL B 234 -22.45 -10.09 -13.77
N GLU B 235 -21.80 -10.88 -12.92
CA GLU B 235 -22.13 -12.28 -12.66
C GLU B 235 -22.78 -12.49 -11.31
N ASN B 236 -22.39 -11.68 -10.31
CA ASN B 236 -22.82 -11.84 -8.95
C ASN B 236 -22.81 -10.49 -8.24
N ILE B 237 -23.76 -10.30 -7.34
CA ILE B 237 -23.84 -9.10 -6.52
C ILE B 237 -23.69 -9.47 -5.05
N ILE B 238 -22.93 -8.69 -4.32
CA ILE B 238 -22.59 -8.89 -2.92
C ILE B 238 -23.02 -7.63 -2.15
N VAL B 239 -23.90 -7.78 -1.16
CA VAL B 239 -24.22 -6.70 -0.22
C VAL B 239 -23.09 -6.52 0.78
N GLU B 240 -22.75 -5.25 1.05
CA GLU B 240 -21.85 -4.87 2.11
C GLU B 240 -22.53 -3.75 2.90
N VAL B 241 -22.53 -3.91 4.23
CA VAL B 241 -23.01 -2.88 5.13
C VAL B 241 -22.01 -2.78 6.27
N GLU B 242 -21.44 -1.57 6.49
CA GLU B 242 -20.38 -1.35 7.47
C GLU B 242 -20.80 -0.37 8.58
N GLN B 243 -21.82 0.43 8.26
CA GLN B 243 -22.42 1.38 9.20
C GLN B 243 -23.92 1.15 9.20
N TYR B 244 -24.56 1.38 10.38
CA TYR B 244 -25.90 0.84 10.60
C TYR B 244 -26.80 1.87 11.27
N SER B 245 -28.04 1.92 10.83
CA SER B 245 -29.01 2.81 11.49
C SER B 245 -29.61 2.09 12.68
N TYR B 246 -29.43 0.77 12.71
CA TYR B 246 -30.14 -0.13 13.62
C TYR B 246 -29.18 -1.20 14.11
N ASP B 247 -29.72 -2.20 14.83
CA ASP B 247 -28.91 -3.38 15.09
C ASP B 247 -28.58 -4.06 13.75
N VAL B 248 -27.44 -4.72 13.77
CA VAL B 248 -26.85 -5.28 12.57
C VAL B 248 -27.87 -6.15 11.82
N GLU B 249 -28.54 -7.06 12.54
CA GLU B 249 -29.44 -8.01 11.91
C GLU B 249 -30.56 -7.31 11.13
N LYS B 250 -31.13 -6.25 11.70
CA LYS B 250 -32.20 -5.52 11.06
C LYS B 250 -31.63 -4.81 9.82
N SER B 251 -30.46 -4.17 9.96
N SER B 251 -30.45 -4.18 10.00
CA SER B 251 -29.89 -3.43 8.82
CA SER B 251 -29.81 -3.45 8.91
C SER B 251 -29.56 -4.35 7.64
C SER B 251 -29.56 -4.33 7.68
N VAL B 252 -29.02 -5.54 7.91
CA VAL B 252 -28.65 -6.42 6.84
C VAL B 252 -29.91 -7.01 6.19
N LYS B 253 -30.99 -7.21 6.97
CA LYS B 253 -32.22 -7.71 6.40
C LYS B 253 -32.91 -6.65 5.56
N LEU B 254 -32.95 -5.41 6.08
CA LEU B 254 -33.57 -4.33 5.31
C LEU B 254 -32.81 -4.11 4.00
N SER B 255 -31.49 -4.31 4.00
CA SER B 255 -30.69 -4.15 2.80
C SER B 255 -31.04 -5.20 1.74
N LEU B 256 -31.22 -6.45 2.17
CA LEU B 256 -31.63 -7.49 1.25
C LEU B 256 -33.04 -7.18 0.72
N ASP B 257 -33.94 -6.76 1.61
CA ASP B 257 -35.33 -6.53 1.21
C ASP B 257 -35.42 -5.43 0.15
N TYR B 258 -34.53 -4.41 0.21
CA TYR B 258 -34.52 -3.39 -0.84
C TYR B 258 -34.31 -4.04 -2.21
N LEU B 259 -33.35 -4.96 -2.28
CA LEU B 259 -33.01 -5.63 -3.53
C LEU B 259 -34.11 -6.59 -4.00
N LEU B 260 -34.74 -7.32 -3.06
CA LEU B 260 -35.79 -8.25 -3.43
C LEU B 260 -37.01 -7.49 -3.97
N GLU B 261 -37.27 -6.28 -3.46
CA GLU B 261 -38.41 -5.44 -3.84
C GLU B 261 -38.13 -4.67 -5.14
N ALA B 262 -36.86 -4.47 -5.50
CA ALA B 262 -36.51 -3.60 -6.60
C ALA B 262 -36.77 -4.29 -7.93
N PRO B 263 -37.63 -3.75 -8.82
CA PRO B 263 -37.90 -4.46 -10.08
C PRO B 263 -36.69 -4.63 -11.01
N PHE B 264 -35.70 -3.74 -10.87
CA PHE B 264 -34.53 -3.73 -11.74
C PHE B 264 -33.43 -4.70 -11.29
N VAL B 265 -33.61 -5.36 -10.14
CA VAL B 265 -32.68 -6.41 -9.76
C VAL B 265 -33.22 -7.77 -10.23
N LYS B 266 -32.49 -8.40 -11.13
CA LYS B 266 -32.84 -9.72 -11.68
C LYS B 266 -32.66 -10.85 -10.67
N ALA B 267 -33.33 -11.97 -10.96
CA ALA B 267 -33.28 -13.11 -10.06
C ALA B 267 -31.90 -13.77 -10.06
N SER B 268 -31.14 -13.66 -11.16
CA SER B 268 -29.81 -14.23 -11.26
C SER B 268 -28.99 -13.42 -12.26
N TYR B 269 -27.69 -13.23 -11.99
CA TYR B 269 -26.76 -12.67 -12.96
C TYR B 269 -25.82 -13.71 -13.55
N SER B 270 -25.84 -14.96 -13.08
CA SER B 270 -24.76 -15.90 -13.37
C SER B 270 -25.09 -16.91 -14.49
N LYS C 1 40.61 10.45 -3.94
CA LYS C 1 40.09 10.29 -5.33
C LYS C 1 40.08 8.80 -5.71
N LYS C 2 38.88 8.29 -5.98
CA LYS C 2 38.73 6.89 -6.40
C LYS C 2 37.75 6.84 -7.56
N ASP C 3 37.90 5.83 -8.43
CA ASP C 3 36.97 5.59 -9.52
C ASP C 3 35.77 4.81 -9.00
N ILE C 4 34.64 5.51 -8.90
CA ILE C 4 33.41 4.92 -8.37
C ILE C 4 32.25 5.41 -9.24
N GLY C 5 31.46 4.47 -9.74
CA GLY C 5 30.31 4.81 -10.55
C GLY C 5 29.02 4.90 -9.74
N ILE C 6 27.97 5.49 -10.37
CA ILE C 6 26.65 5.61 -9.78
C ILE C 6 25.61 5.10 -10.77
N GLN C 7 24.73 4.19 -10.30
CA GLN C 7 23.58 3.80 -11.10
C GLN C 7 22.53 4.91 -11.07
N LEU C 8 22.16 5.41 -12.26
CA LEU C 8 21.25 6.54 -12.33
C LEU C 8 19.85 6.23 -11.85
N TYR C 9 19.46 4.96 -11.79
CA TYR C 9 18.20 4.57 -11.15
C TYR C 9 18.12 5.12 -9.74
N SER C 10 19.27 5.22 -9.06
CA SER C 10 19.38 5.75 -7.71
C SER C 10 18.76 7.15 -7.59
N VAL C 11 18.84 7.95 -8.67
CA VAL C 11 18.31 9.31 -8.67
C VAL C 11 17.11 9.46 -9.59
N ARG C 12 16.35 8.38 -9.76
CA ARG C 12 15.17 8.35 -10.62
C ARG C 12 14.21 9.45 -10.19
N ASP C 13 14.15 9.76 -8.89
CA ASP C 13 13.17 10.72 -8.37
C ASP C 13 13.58 12.18 -8.67
N LEU C 14 14.83 12.40 -9.08
CA LEU C 14 15.39 13.73 -9.34
C LEU C 14 15.47 14.03 -10.83
N ILE C 15 14.96 13.15 -11.68
CA ILE C 15 14.93 13.33 -13.11
C ILE C 15 13.46 13.42 -13.53
N GLY C 16 12.93 14.62 -13.73
CA GLY C 16 11.53 14.81 -14.14
C GLY C 16 11.43 15.70 -15.38
N SER C 17 10.23 16.27 -15.63
CA SER C 17 10.01 17.19 -16.75
C SER C 17 10.26 18.63 -16.35
N PHE C 18 10.79 19.45 -17.27
CA PHE C 18 11.05 20.86 -17.02
C PHE C 18 11.17 21.66 -18.33
N GLY C 19 10.34 22.71 -18.47
CA GLY C 19 10.02 23.24 -19.78
C GLY C 19 9.43 22.14 -20.64
N ARG C 20 9.93 21.98 -21.88
CA ARG C 20 9.43 20.97 -22.81
C ARG C 20 10.24 19.67 -22.67
N ASN C 21 11.25 19.70 -21.79
CA ASN C 21 12.20 18.62 -21.59
C ASN C 21 11.63 17.52 -20.66
N GLN C 22 11.40 16.31 -21.19
CA GLN C 22 10.68 15.24 -20.51
C GLN C 22 11.52 14.42 -19.52
N HIS C 23 12.85 14.41 -19.68
CA HIS C 23 13.72 13.71 -18.75
C HIS C 23 14.90 14.64 -18.50
N ASP C 24 14.76 15.54 -17.53
CA ASP C 24 15.67 16.64 -17.34
C ASP C 24 16.78 16.15 -16.41
N TYR C 25 17.71 15.37 -16.97
CA TYR C 25 18.78 14.74 -16.19
C TYR C 25 20.03 15.60 -15.99
N LYS C 26 20.22 16.68 -16.76
CA LYS C 26 21.51 17.34 -16.71
C LYS C 26 21.81 17.87 -15.30
N PRO C 27 20.86 18.50 -14.59
CA PRO C 27 21.11 19.00 -13.24
C PRO C 27 21.65 17.93 -12.29
N VAL C 28 21.07 16.71 -12.34
CA VAL C 28 21.53 15.69 -11.41
C VAL C 28 22.88 15.15 -11.86
N LEU C 29 23.21 15.14 -13.16
CA LEU C 29 24.54 14.74 -13.58
C LEU C 29 25.56 15.67 -12.92
N LYS C 30 25.31 16.99 -12.99
CA LYS C 30 26.26 17.92 -12.40
C LYS C 30 26.41 17.72 -10.88
N ALA C 31 25.31 17.46 -10.20
CA ALA C 31 25.34 17.23 -8.75
C ALA C 31 26.14 15.97 -8.41
N LEU C 32 25.96 14.91 -9.19
CA LEU C 32 26.73 13.70 -8.96
C LEU C 32 28.20 13.89 -9.22
N ALA C 33 28.58 14.64 -10.29
CA ALA C 33 29.98 14.84 -10.59
C ALA C 33 30.63 15.64 -9.46
N ASP C 34 29.86 16.60 -8.98
CA ASP C 34 30.33 17.49 -7.92
C ASP C 34 30.64 16.71 -6.64
N MET C 35 29.82 15.70 -6.36
CA MET C 35 30.02 14.81 -5.21
C MET C 35 31.31 14.04 -5.33
N GLY C 36 31.70 13.72 -6.57
CA GLY C 36 32.92 12.95 -6.79
C GLY C 36 32.73 11.63 -7.55
N TYR C 37 31.50 11.33 -7.97
CA TYR C 37 31.35 10.17 -8.85
C TYR C 37 32.08 10.36 -10.17
N THR C 38 32.72 9.27 -10.68
CA THR C 38 33.56 9.33 -11.87
C THR C 38 32.89 8.70 -13.11
N SER C 39 31.82 7.92 -12.94
CA SER C 39 31.20 7.26 -14.06
C SER C 39 29.72 6.99 -13.75
N ILE C 40 28.91 6.78 -14.79
CA ILE C 40 27.49 6.50 -14.62
C ILE C 40 27.16 5.15 -15.24
N GLU C 41 26.11 4.54 -14.67
CA GLU C 41 25.42 3.43 -15.33
C GLU C 41 23.97 3.87 -15.58
N ALA C 42 23.56 3.85 -16.84
CA ALA C 42 22.25 4.33 -17.25
C ALA C 42 21.16 3.34 -16.87
N ALA C 43 19.95 3.89 -16.79
CA ALA C 43 18.75 3.08 -16.55
C ALA C 43 17.57 3.63 -17.33
N SER C 44 17.79 3.93 -18.61
CA SER C 44 16.72 4.46 -19.43
C SER C 44 17.09 4.36 -20.91
N TYR C 45 16.94 3.17 -21.46
CA TYR C 45 17.26 2.92 -22.84
C TYR C 45 15.95 2.59 -23.57
N ASN C 46 15.77 3.15 -24.77
CA ASN C 46 14.61 2.81 -25.59
C ASN C 46 14.87 3.24 -27.03
N ASP C 47 14.66 2.34 -28.01
CA ASP C 47 14.56 2.74 -29.41
C ASP C 47 15.73 3.62 -29.81
N GLY C 48 16.93 3.20 -29.46
CA GLY C 48 18.16 3.85 -29.88
C GLY C 48 18.49 5.14 -29.10
N LYS C 49 17.75 5.43 -28.03
CA LYS C 49 17.92 6.65 -27.29
C LYS C 49 18.12 6.35 -25.81
N PHE C 50 18.72 7.33 -25.13
CA PHE C 50 18.90 7.27 -23.68
C PHE C 50 18.22 8.48 -23.05
N TYR C 51 17.28 8.25 -22.11
CA TYR C 51 16.56 9.35 -21.52
C TYR C 51 15.89 10.19 -22.60
N GLY C 52 15.51 9.60 -23.73
CA GLY C 52 14.82 10.31 -24.79
C GLY C 52 15.73 11.10 -25.73
N ASN C 53 17.06 11.01 -25.50
CA ASN C 53 18.05 11.77 -26.25
C ASN C 53 18.89 10.84 -27.10
N THR C 54 19.53 11.42 -28.12
CA THR C 54 20.43 10.62 -28.93
C THR C 54 21.56 10.14 -28.07
N PRO C 55 22.12 8.96 -28.39
CA PRO C 55 23.31 8.47 -27.71
C PRO C 55 24.42 9.51 -27.69
N GLU C 56 24.60 10.21 -28.83
CA GLU C 56 25.64 11.18 -28.98
C GLU C 56 25.44 12.35 -28.01
N GLU C 57 24.22 12.83 -27.88
CA GLU C 57 23.92 13.93 -26.98
C GLU C 57 24.11 13.50 -25.53
N PHE C 58 23.58 12.32 -25.18
CA PHE C 58 23.69 11.83 -23.82
C PHE C 58 25.17 11.73 -23.43
N ARG C 59 25.98 11.16 -24.31
CA ARG C 59 27.41 11.03 -24.04
C ARG C 59 28.03 12.42 -23.83
N ARG C 60 27.69 13.36 -24.71
CA ARG C 60 28.23 14.71 -24.55
C ARG C 60 27.86 15.27 -23.18
N ASP C 61 26.61 15.05 -22.74
CA ASP C 61 26.10 15.58 -21.47
C ASP C 61 26.88 15.00 -20.28
N VAL C 62 27.07 13.68 -20.27
CA VAL C 62 27.82 13.03 -19.20
C VAL C 62 29.28 13.50 -19.22
N GLU C 63 29.92 13.51 -20.39
CA GLU C 63 31.32 13.90 -20.51
C GLU C 63 31.55 15.36 -20.16
N ALA C 64 30.56 16.22 -20.38
CA ALA C 64 30.67 17.64 -20.13
C ALA C 64 30.89 17.91 -18.64
N VAL C 65 30.45 17.01 -17.74
CA VAL C 65 30.60 17.21 -16.31
C VAL C 65 31.76 16.36 -15.79
N GLY C 66 32.54 15.76 -16.71
CA GLY C 66 33.76 15.06 -16.38
C GLY C 66 33.57 13.63 -15.93
N MET C 67 32.42 13.02 -16.26
CA MET C 67 32.21 11.63 -15.88
C MET C 67 32.30 10.79 -17.14
N LYS C 68 32.46 9.49 -16.94
CA LYS C 68 32.50 8.55 -18.03
C LYS C 68 31.14 7.88 -18.16
N VAL C 69 30.75 7.62 -19.42
CA VAL C 69 29.62 6.75 -19.71
C VAL C 69 30.11 5.30 -19.64
N LEU C 70 29.78 4.59 -18.55
CA LEU C 70 30.42 3.29 -18.35
C LEU C 70 29.54 2.12 -18.75
N SER C 71 28.31 2.10 -18.28
CA SER C 71 27.45 0.94 -18.41
C SER C 71 26.00 1.40 -18.50
N SER C 72 25.12 0.42 -18.69
CA SER C 72 23.70 0.62 -18.87
C SER C 72 22.94 -0.63 -18.48
N HIS C 73 21.73 -0.41 -17.92
CA HIS C 73 20.79 -1.49 -17.65
C HIS C 73 19.72 -1.45 -18.74
N CYS C 74 19.63 -2.56 -19.46
CA CYS C 74 18.61 -2.66 -20.47
C CYS C 74 18.44 -4.13 -20.81
N GLY C 75 17.31 -4.41 -21.42
CA GLY C 75 17.16 -5.75 -21.95
C GLY C 75 15.72 -5.98 -22.34
N LYS C 76 15.47 -7.24 -22.63
CA LYS C 76 14.35 -7.70 -23.41
C LYS C 76 14.23 -9.16 -22.99
N GLY C 77 13.54 -9.40 -21.87
CA GLY C 77 13.22 -10.75 -21.44
C GLY C 77 12.44 -11.48 -22.54
N LEU C 78 12.45 -12.82 -22.49
CA LEU C 78 11.78 -13.63 -23.49
C LEU C 78 10.27 -13.72 -23.16
N SER C 79 9.43 -13.60 -24.22
CA SER C 79 8.01 -13.86 -24.12
C SER C 79 7.76 -15.37 -23.95
N ASP C 80 6.53 -15.70 -23.51
CA ASP C 80 6.11 -17.08 -23.38
C ASP C 80 6.21 -17.75 -24.74
N GLU C 81 5.86 -17.01 -25.81
CA GLU C 81 5.91 -17.54 -27.16
C GLU C 81 7.36 -17.91 -27.50
N GLU C 82 8.33 -17.00 -27.24
CA GLU C 82 9.73 -17.31 -27.45
C GLU C 82 10.29 -18.47 -26.61
N LEU C 83 9.92 -18.55 -25.32
CA LEU C 83 10.33 -19.67 -24.48
C LEU C 83 9.89 -21.02 -25.09
N ALA C 84 8.67 -21.07 -25.61
CA ALA C 84 8.19 -22.33 -26.21
C ALA C 84 8.77 -22.57 -27.61
N SER C 85 9.03 -21.51 -28.39
CA SER C 85 9.39 -21.63 -29.81
C SER C 85 10.91 -21.71 -30.04
N GLY C 86 11.65 -20.97 -29.23
CA GLY C 86 13.09 -20.83 -29.44
C GLY C 86 13.46 -19.85 -30.55
N ASP C 87 12.51 -19.07 -31.11
CA ASP C 87 12.81 -18.13 -32.20
C ASP C 87 12.98 -16.73 -31.59
N PHE C 88 14.24 -16.21 -31.59
CA PHE C 88 14.55 -14.96 -30.93
C PHE C 88 14.74 -13.84 -31.94
N SER C 89 14.37 -14.11 -33.18
CA SER C 89 14.85 -13.28 -34.27
C SER C 89 14.36 -11.85 -34.13
N GLU C 90 13.11 -11.67 -33.71
CA GLU C 90 12.58 -10.34 -33.50
C GLU C 90 13.34 -9.66 -32.38
N SER C 91 13.68 -10.45 -31.35
CA SER C 91 14.46 -9.95 -30.20
C SER C 91 15.86 -9.53 -30.64
N MET C 92 16.47 -10.27 -31.57
CA MET C 92 17.85 -10.03 -31.92
C MET C 92 17.97 -8.76 -32.79
N LYS C 93 16.91 -8.39 -33.52
CA LYS C 93 16.86 -7.11 -34.24
C LYS C 93 16.89 -5.95 -33.24
N TRP C 94 16.18 -6.12 -32.12
CA TRP C 94 16.17 -5.10 -31.09
C TRP C 94 17.58 -4.96 -30.51
N TRP C 95 18.27 -6.07 -30.28
CA TRP C 95 19.65 -6.07 -29.77
C TRP C 95 20.62 -5.37 -30.72
N ASP C 96 20.42 -5.51 -32.05
CA ASP C 96 21.34 -4.84 -32.97
C ASP C 96 21.33 -3.33 -32.76
N GLN C 97 20.13 -2.78 -32.69
CA GLN C 97 20.01 -1.36 -32.50
C GLN C 97 20.59 -1.01 -31.14
N CYS C 98 20.19 -1.78 -30.12
CA CYS C 98 20.59 -1.49 -28.74
C CYS C 98 22.11 -1.40 -28.63
N ILE C 99 22.82 -2.40 -29.16
CA ILE C 99 24.25 -2.49 -29.06
C ILE C 99 24.96 -1.33 -29.77
N ALA C 100 24.48 -1.02 -30.98
CA ALA C 100 24.99 0.11 -31.76
C ALA C 100 24.80 1.43 -31.02
N ALA C 101 23.65 1.63 -30.41
CA ALA C 101 23.38 2.86 -29.66
C ALA C 101 24.27 2.93 -28.42
N HIS C 102 24.47 1.81 -27.71
CA HIS C 102 25.36 1.82 -26.57
C HIS C 102 26.81 2.13 -26.93
N LYS C 103 27.28 1.57 -28.04
CA LYS C 103 28.63 1.89 -28.50
C LYS C 103 28.76 3.38 -28.81
N ALA C 104 27.73 3.93 -29.47
CA ALA C 104 27.70 5.33 -29.81
C ALA C 104 27.74 6.22 -28.56
N ALA C 105 27.16 5.73 -27.46
CA ALA C 105 27.15 6.46 -26.20
C ALA C 105 28.45 6.29 -25.39
N GLY C 106 29.37 5.47 -25.88
CA GLY C 106 30.68 5.23 -25.27
C GLY C 106 30.70 4.14 -24.21
N MET C 107 29.61 3.37 -24.10
CA MET C 107 29.51 2.35 -23.07
C MET C 107 30.57 1.24 -23.25
N GLU C 108 31.13 0.78 -22.13
CA GLU C 108 32.04 -0.35 -22.08
C GLU C 108 31.26 -1.64 -21.79
N TYR C 109 30.15 -1.51 -21.07
CA TYR C 109 29.32 -2.65 -20.69
C TYR C 109 27.84 -2.39 -20.99
N ILE C 110 27.10 -3.49 -21.22
CA ILE C 110 25.65 -3.52 -21.19
C ILE C 110 25.25 -4.63 -20.25
N VAL C 111 24.27 -4.37 -19.37
CA VAL C 111 23.90 -5.34 -18.35
C VAL C 111 22.39 -5.51 -18.37
N THR C 112 21.87 -6.75 -18.38
CA THR C 112 20.46 -6.98 -18.24
C THR C 112 20.11 -7.05 -16.75
N PRO C 113 19.10 -6.26 -16.30
CA PRO C 113 18.90 -6.08 -14.87
C PRO C 113 18.10 -7.15 -14.14
N TYR C 114 17.32 -7.92 -14.90
CA TYR C 114 16.31 -8.83 -14.35
C TYR C 114 15.93 -9.87 -15.41
N LEU C 115 15.92 -11.14 -14.99
CA LEU C 115 15.19 -12.22 -15.63
C LEU C 115 14.45 -12.95 -14.51
N PRO C 116 13.21 -13.41 -14.77
CA PRO C 116 12.45 -14.16 -13.76
C PRO C 116 12.99 -15.57 -13.56
N VAL C 117 12.65 -16.19 -12.43
CA VAL C 117 12.98 -17.59 -12.18
C VAL C 117 12.15 -18.46 -13.14
N PRO C 118 12.79 -19.31 -13.96
CA PRO C 118 12.04 -20.16 -14.90
C PRO C 118 11.44 -21.34 -14.16
N LYS C 119 10.38 -21.93 -14.72
CA LYS C 119 9.73 -23.09 -14.12
C LYS C 119 10.59 -24.34 -14.27
N THR C 120 11.32 -24.46 -15.39
CA THR C 120 12.06 -25.68 -15.67
C THR C 120 13.47 -25.35 -16.06
N LEU C 121 14.32 -26.38 -15.99
CA LEU C 121 15.70 -26.34 -16.44
C LEU C 121 15.75 -26.13 -17.95
N LYS C 122 14.80 -26.72 -18.68
CA LYS C 122 14.74 -26.50 -20.12
C LYS C 122 14.65 -24.99 -20.43
N GLU C 123 13.72 -24.30 -19.77
CA GLU C 123 13.55 -22.86 -19.89
C GLU C 123 14.85 -22.16 -19.51
N MET C 124 15.49 -22.59 -18.41
CA MET C 124 16.73 -21.94 -17.99
C MET C 124 17.80 -22.08 -19.07
N GLN C 125 17.87 -23.24 -19.72
CA GLN C 125 18.79 -23.45 -20.80
C GLN C 125 18.47 -22.53 -21.99
N THR C 126 17.19 -22.34 -22.32
CA THR C 126 16.80 -21.41 -23.37
C THR C 126 17.35 -20.02 -23.00
N TYR C 127 17.22 -19.65 -21.73
CA TYR C 127 17.76 -18.36 -21.31
C TYR C 127 19.26 -18.28 -21.52
N CYS C 128 19.98 -19.34 -21.18
CA CYS C 128 21.41 -19.36 -21.38
C CYS C 128 21.73 -19.21 -22.87
N ASP C 129 20.96 -19.86 -23.74
CA ASP C 129 21.21 -19.77 -25.19
C ASP C 129 21.09 -18.29 -25.61
N TYR C 130 20.06 -17.60 -25.13
CA TYR C 130 19.79 -16.20 -25.44
C TYR C 130 20.93 -15.33 -24.91
N LEU C 131 21.29 -15.54 -23.64
CA LEU C 131 22.35 -14.75 -23.06
C LEU C 131 23.68 -14.88 -23.81
N ASN C 132 24.04 -16.11 -24.18
CA ASN C 132 25.22 -16.32 -24.99
C ASN C 132 25.11 -15.60 -26.34
N ALA C 133 23.94 -15.62 -26.97
CA ALA C 133 23.77 -15.04 -28.30
C ALA C 133 23.97 -13.52 -28.23
N ILE C 134 23.40 -12.91 -27.18
CA ILE C 134 23.51 -11.47 -26.98
C ILE C 134 24.95 -11.10 -26.70
N GLY C 135 25.61 -11.82 -25.80
CA GLY C 135 26.96 -11.58 -25.39
C GLY C 135 27.93 -11.68 -26.57
N LYS C 136 27.58 -12.57 -27.50
CA LYS C 136 28.39 -12.78 -28.70
C LYS C 136 28.30 -11.56 -29.62
N LYS C 137 27.10 -11.02 -29.80
CA LYS C 137 26.92 -9.80 -30.57
C LYS C 137 27.63 -8.63 -29.90
N CYS C 138 27.50 -8.55 -28.56
CA CYS C 138 28.20 -7.50 -27.85
C CYS C 138 29.72 -7.55 -28.06
N ARG C 139 30.31 -8.74 -27.94
CA ARG C 139 31.75 -8.86 -28.05
C ARG C 139 32.19 -8.48 -29.46
N GLU C 140 31.36 -8.73 -30.47
CA GLU C 140 31.69 -8.37 -31.85
C GLU C 140 31.72 -6.85 -32.01
N ALA C 141 30.94 -6.11 -31.22
CA ALA C 141 30.93 -4.64 -31.24
C ALA C 141 31.92 -4.01 -30.26
N GLY C 142 32.62 -4.82 -29.47
CA GLY C 142 33.60 -4.43 -28.47
C GLY C 142 32.93 -4.00 -27.16
N ILE C 143 31.79 -4.58 -26.83
CA ILE C 143 31.13 -4.30 -25.56
C ILE C 143 31.09 -5.59 -24.74
N LYS C 144 31.20 -5.46 -23.41
CA LYS C 144 31.04 -6.59 -22.49
C LYS C 144 29.60 -6.65 -21.97
N TYR C 145 28.95 -7.79 -22.13
CA TYR C 145 27.57 -8.01 -21.72
C TYR C 145 27.51 -8.81 -20.41
N GLY C 146 26.64 -8.36 -19.50
CA GLY C 146 26.55 -8.98 -18.20
C GLY C 146 25.11 -9.05 -17.71
N TYR C 147 24.98 -9.72 -16.57
CA TYR C 147 23.70 -9.94 -15.92
C TYR C 147 23.75 -9.52 -14.46
N HIS C 148 22.73 -8.76 -14.04
CA HIS C 148 22.62 -8.26 -12.67
C HIS C 148 21.53 -9.04 -11.91
N ASN C 149 21.93 -9.56 -10.73
CA ASN C 149 21.01 -10.33 -9.89
C ASN C 149 20.18 -9.46 -8.93
N HIS C 150 19.02 -10.01 -8.53
CA HIS C 150 18.37 -9.68 -7.27
C HIS C 150 18.56 -10.88 -6.34
N ALA C 151 17.55 -11.22 -5.52
CA ALA C 151 17.68 -12.37 -4.61
C ALA C 151 17.09 -13.67 -5.17
N HIS C 152 16.12 -13.57 -6.10
CA HIS C 152 15.38 -14.73 -6.56
C HIS C 152 16.29 -15.72 -7.31
N GLU C 153 17.43 -15.26 -7.85
CA GLU C 153 18.35 -16.11 -8.59
C GLU C 153 19.02 -17.12 -7.65
N PHE C 154 18.84 -16.97 -6.32
CA PHE C 154 19.41 -17.96 -5.41
C PHE C 154 18.42 -19.10 -5.12
N GLN C 155 17.20 -19.03 -5.67
CA GLN C 155 16.28 -20.17 -5.66
C GLN C 155 16.80 -21.28 -6.56
N LYS C 156 16.36 -22.50 -6.24
CA LYS C 156 16.64 -23.66 -7.07
C LYS C 156 15.54 -23.83 -8.11
N ILE C 157 15.92 -24.40 -9.25
CA ILE C 157 14.99 -24.72 -10.32
C ILE C 157 14.81 -26.25 -10.31
N GLU C 158 13.56 -26.68 -10.23
CA GLU C 158 13.16 -28.08 -10.11
C GLU C 158 13.92 -28.79 -8.99
N ASP C 159 14.21 -28.09 -7.89
CA ASP C 159 14.87 -28.67 -6.72
C ASP C 159 16.27 -29.15 -7.06
N LYS C 160 16.81 -28.74 -8.22
CA LYS C 160 18.16 -29.13 -8.59
C LYS C 160 19.04 -27.88 -8.50
N ALA C 161 19.23 -27.22 -9.63
CA ALA C 161 20.26 -26.22 -9.76
C ALA C 161 19.78 -24.89 -9.22
N VAL C 162 20.67 -24.19 -8.54
CA VAL C 162 20.43 -22.78 -8.23
C VAL C 162 20.54 -21.99 -9.53
N MET C 163 19.61 -21.05 -9.70
CA MET C 163 19.48 -20.28 -10.94
C MET C 163 20.76 -19.56 -11.32
N LEU C 164 21.37 -18.80 -10.40
CA LEU C 164 22.55 -18.05 -10.76
C LEU C 164 23.71 -18.98 -11.10
N ASP C 165 23.88 -20.08 -10.33
CA ASP C 165 24.93 -21.03 -10.63
C ASP C 165 24.79 -21.59 -12.04
N TYR C 166 23.59 -22.01 -12.38
CA TYR C 166 23.34 -22.62 -13.68
C TYR C 166 23.71 -21.61 -14.78
N MET C 167 23.25 -20.35 -14.63
CA MET C 167 23.53 -19.29 -15.59
C MET C 167 25.03 -19.16 -15.80
N ILE C 168 25.78 -19.09 -14.71
CA ILE C 168 27.22 -18.89 -14.80
C ILE C 168 27.88 -20.09 -15.48
N GLU C 169 27.45 -21.28 -15.07
CA GLU C 169 28.09 -22.53 -15.56
C GLU C 169 27.79 -22.76 -17.02
N ASN C 170 26.63 -22.31 -17.52
CA ASN C 170 26.22 -22.55 -18.90
C ASN C 170 26.24 -21.31 -19.80
N THR C 171 27.06 -20.34 -19.44
CA THR C 171 27.41 -19.23 -20.33
C THR C 171 28.92 -19.14 -20.46
N ASP C 172 29.37 -18.77 -21.67
CA ASP C 172 30.78 -18.52 -21.90
C ASP C 172 31.23 -17.25 -21.19
N PRO C 173 32.36 -17.30 -20.46
CA PRO C 173 32.92 -16.12 -19.79
C PRO C 173 33.10 -14.87 -20.66
N GLU C 174 33.34 -15.02 -21.96
CA GLU C 174 33.49 -13.86 -22.84
C GLU C 174 32.15 -13.33 -23.30
N ASN C 175 31.08 -14.12 -23.20
CA ASN C 175 29.76 -13.67 -23.57
C ASN C 175 29.03 -13.01 -22.39
N LEU C 176 29.29 -13.49 -21.17
CA LEU C 176 28.50 -13.06 -20.02
C LEU C 176 29.37 -12.96 -18.78
N PHE C 177 29.36 -11.79 -18.13
CA PHE C 177 29.88 -11.67 -16.76
C PHE C 177 28.68 -11.37 -15.84
N ILE C 178 28.93 -11.43 -14.54
CA ILE C 178 27.93 -11.11 -13.56
C ILE C 178 28.26 -9.80 -12.87
N GLU C 179 27.29 -8.88 -12.93
CA GLU C 179 27.31 -7.65 -12.14
C GLU C 179 26.63 -7.99 -10.82
N LEU C 180 27.44 -8.42 -9.86
CA LEU C 180 26.89 -9.00 -8.65
C LEU C 180 26.40 -7.87 -7.76
N ASP C 181 25.13 -7.99 -7.37
CA ASP C 181 24.56 -7.13 -6.37
C ASP C 181 24.75 -7.81 -5.02
N VAL C 182 25.63 -7.23 -4.21
CA VAL C 182 26.05 -7.84 -2.97
C VAL C 182 24.96 -7.80 -1.91
N TYR C 183 24.08 -6.78 -1.90
CA TYR C 183 22.96 -6.75 -0.97
C TYR C 183 21.96 -7.83 -1.32
N TRP C 184 21.57 -7.94 -2.60
CA TRP C 184 20.58 -8.92 -2.95
C TRP C 184 21.12 -10.34 -2.77
N ALA C 185 22.43 -10.51 -2.99
CA ALA C 185 23.04 -11.80 -2.66
C ALA C 185 22.86 -12.17 -1.18
N VAL C 186 23.15 -11.24 -0.28
CA VAL C 186 22.97 -11.50 1.15
C VAL C 186 21.53 -11.79 1.47
N MET C 187 20.61 -11.04 0.85
CA MET C 187 19.17 -11.26 1.05
C MET C 187 18.70 -12.63 0.53
N GLY C 188 19.46 -13.17 -0.41
CA GLY C 188 19.30 -14.52 -0.94
C GLY C 188 20.03 -15.61 -0.14
N LYS C 189 20.61 -15.23 0.99
CA LYS C 189 21.34 -16.12 1.89
C LYS C 189 22.66 -16.60 1.27
N ALA C 190 23.14 -15.85 0.27
CA ALA C 190 24.38 -16.20 -0.39
C ALA C 190 25.54 -15.40 0.18
N SER C 191 26.73 -16.00 0.16
CA SER C 191 27.95 -15.32 0.53
C SER C 191 28.63 -14.79 -0.70
N PRO C 192 28.81 -13.47 -0.87
CA PRO C 192 29.50 -12.98 -2.05
C PRO C 192 30.88 -13.63 -2.19
N VAL C 193 31.63 -13.72 -1.08
CA VAL C 193 32.99 -14.21 -1.17
C VAL C 193 33.01 -15.67 -1.60
N ASP C 194 32.08 -16.49 -1.11
CA ASP C 194 32.05 -17.87 -1.55
C ASP C 194 31.73 -18.00 -3.05
N TYR C 195 30.84 -17.13 -3.56
CA TYR C 195 30.61 -17.00 -4.99
C TYR C 195 31.89 -16.62 -5.73
N PHE C 196 32.64 -15.61 -5.25
CA PHE C 196 33.85 -15.18 -5.91
C PHE C 196 34.84 -16.35 -6.07
N HIS C 197 34.91 -17.20 -5.04
CA HIS C 197 35.88 -18.30 -5.05
C HIS C 197 35.39 -19.45 -5.93
N LYS C 198 34.07 -19.61 -6.08
CA LYS C 198 33.53 -20.69 -6.85
C LYS C 198 33.65 -20.36 -8.34
N TYR C 199 33.58 -19.06 -8.70
CA TYR C 199 33.51 -18.64 -10.11
C TYR C 199 34.52 -17.52 -10.32
N PRO C 200 35.84 -17.75 -10.10
CA PRO C 200 36.83 -16.71 -10.19
C PRO C 200 36.77 -16.04 -11.55
N GLY C 201 36.91 -14.71 -11.50
CA GLY C 201 37.00 -13.88 -12.68
C GLY C 201 35.66 -13.49 -13.32
N ARG C 202 34.53 -14.08 -12.90
CA ARG C 202 33.26 -13.88 -13.58
C ARG C 202 32.55 -12.60 -13.13
N PHE C 203 33.02 -11.97 -12.05
CA PHE C 203 32.32 -10.84 -11.46
C PHE C 203 33.05 -9.52 -11.80
N LYS C 204 32.86 -9.10 -13.05
CA LYS C 204 33.61 -7.99 -13.60
C LYS C 204 33.12 -6.63 -13.09
N MET C 205 31.88 -6.58 -12.61
CA MET C 205 31.45 -5.38 -11.90
C MET C 205 30.67 -5.79 -10.67
N LEU C 206 30.70 -4.91 -9.65
CA LEU C 206 29.86 -5.12 -8.49
C LEU C 206 28.86 -3.98 -8.41
N HIS C 207 27.64 -4.30 -7.98
CA HIS C 207 26.69 -3.29 -7.53
C HIS C 207 26.90 -3.25 -6.02
N ILE C 208 27.42 -2.14 -5.59
CA ILE C 208 27.60 -1.83 -4.19
C ILE C 208 26.29 -1.21 -3.73
N LYS C 209 25.51 -2.05 -3.06
CA LYS C 209 24.17 -1.74 -2.61
C LYS C 209 24.08 -2.19 -1.16
N ASP C 210 23.23 -1.48 -0.40
CA ASP C 210 22.88 -1.82 0.99
C ASP C 210 21.37 -1.62 1.13
N ARG C 211 20.84 -1.72 2.35
CA ARG C 211 19.40 -1.50 2.48
C ARG C 211 19.04 -0.06 2.11
N ARG C 212 19.81 0.87 2.65
CA ARG C 212 19.75 2.31 2.40
C ARG C 212 21.12 2.82 2.05
N GLU C 213 21.72 3.74 2.82
CA GLU C 213 23.04 4.26 2.51
C GLU C 213 24.09 3.14 2.65
N ILE C 214 25.08 3.14 1.78
CA ILE C 214 26.10 2.11 1.72
C ILE C 214 26.85 2.09 3.04
N GLY C 215 26.85 0.89 3.65
CA GLY C 215 27.65 0.62 4.82
C GLY C 215 26.98 0.98 6.13
N GLN C 216 25.66 1.25 6.13
CA GLN C 216 24.87 1.78 7.25
CA GLN C 216 25.07 1.69 7.37
C GLN C 216 24.19 0.66 8.04
N SER C 217 23.79 -0.41 7.35
CA SER C 217 22.77 -1.32 7.89
C SER C 217 23.33 -2.40 8.82
N GLY C 218 24.58 -2.78 8.59
CA GLY C 218 25.12 -3.95 9.27
C GLY C 218 24.90 -5.25 8.50
N MET C 219 24.25 -5.20 7.31
CA MET C 219 23.89 -6.41 6.59
C MET C 219 24.89 -6.83 5.51
N VAL C 220 25.84 -5.98 5.15
CA VAL C 220 26.78 -6.31 4.08
C VAL C 220 28.22 -6.09 4.53
N GLY C 221 29.02 -7.15 4.32
CA GLY C 221 30.43 -7.14 4.73
C GLY C 221 31.33 -6.58 3.62
N PHE C 222 31.29 -5.27 3.38
CA PHE C 222 32.07 -4.68 2.30
C PHE C 222 33.57 -4.95 2.46
N ASP C 223 34.07 -4.98 3.70
CA ASP C 223 35.50 -5.26 3.87
C ASP C 223 35.87 -6.58 3.20
N ALA C 224 35.15 -7.67 3.50
CA ALA C 224 35.46 -8.97 2.97
C ALA C 224 35.27 -9.02 1.46
N ILE C 225 34.22 -8.35 0.96
CA ILE C 225 33.97 -8.30 -0.46
C ILE C 225 35.17 -7.68 -1.19
N PHE C 226 35.61 -6.49 -0.75
CA PHE C 226 36.71 -5.79 -1.39
C PHE C 226 38.06 -6.50 -1.21
N GLU C 227 38.24 -7.22 -0.10
CA GLU C 227 39.43 -8.00 0.11
C GLU C 227 39.57 -9.10 -0.93
N ASN C 228 38.46 -9.54 -1.57
CA ASN C 228 38.41 -10.66 -2.48
C ASN C 228 38.15 -10.21 -3.93
N ALA C 229 38.29 -8.89 -4.20
CA ALA C 229 37.94 -8.35 -5.49
C ALA C 229 38.83 -8.90 -6.60
N LYS C 230 40.09 -9.23 -6.29
CA LYS C 230 40.96 -9.69 -7.36
C LYS C 230 40.53 -11.08 -7.86
N THR C 231 40.29 -12.00 -6.93
CA THR C 231 39.72 -13.28 -7.27
C THR C 231 38.45 -13.12 -8.11
N ALA C 232 37.57 -12.23 -7.65
CA ALA C 232 36.27 -12.03 -8.25
C ALA C 232 36.41 -11.64 -9.71
N GLY C 233 37.44 -10.80 -10.00
CA GLY C 233 37.63 -10.23 -11.34
C GLY C 233 37.10 -8.80 -11.50
N VAL C 234 36.89 -8.08 -10.40
CA VAL C 234 36.26 -6.77 -10.48
C VAL C 234 37.12 -5.78 -11.27
N GLU C 235 36.45 -5.07 -12.20
CA GLU C 235 36.99 -4.01 -13.04
C GLU C 235 36.46 -2.63 -12.67
N ASN C 236 35.19 -2.60 -12.23
CA ASN C 236 34.51 -1.38 -11.89
C ASN C 236 33.49 -1.66 -10.78
N ILE C 237 33.25 -0.66 -9.95
CA ILE C 237 32.20 -0.73 -8.92
C ILE C 237 31.21 0.41 -9.13
N ILE C 238 29.94 0.10 -8.92
CA ILE C 238 28.81 0.98 -9.15
C ILE C 238 27.98 1.02 -7.88
N VAL C 239 27.75 2.22 -7.35
CA VAL C 239 26.87 2.42 -6.20
C VAL C 239 25.42 2.41 -6.68
N GLU C 240 24.55 1.76 -5.88
CA GLU C 240 23.13 1.81 -6.13
C GLU C 240 22.42 2.03 -4.79
N VAL C 241 21.51 3.01 -4.76
CA VAL C 241 20.71 3.30 -3.58
C VAL C 241 19.27 3.52 -4.02
N GLU C 242 18.35 2.71 -3.50
CA GLU C 242 16.95 2.69 -3.93
C GLU C 242 16.02 3.15 -2.79
N GLN C 243 16.52 3.08 -1.53
CA GLN C 243 15.78 3.48 -0.34
C GLN C 243 16.68 4.39 0.47
N TYR C 244 16.09 5.37 1.19
CA TYR C 244 16.89 6.52 1.61
C TYR C 244 16.54 6.94 3.04
N SER C 245 17.54 7.30 3.81
CA SER C 245 17.34 7.82 5.18
C SER C 245 17.25 9.34 5.16
N TYR C 246 17.68 9.95 4.04
CA TYR C 246 17.78 11.39 3.90
C TYR C 246 17.19 11.74 2.55
N ASP C 247 17.28 13.01 2.16
CA ASP C 247 16.97 13.38 0.80
C ASP C 247 17.90 12.58 -0.11
N VAL C 248 17.44 12.34 -1.34
CA VAL C 248 18.17 11.43 -2.24
C VAL C 248 19.62 11.85 -2.44
N GLU C 249 19.88 13.14 -2.75
CA GLU C 249 21.23 13.63 -2.99
C GLU C 249 22.14 13.33 -1.79
N LYS C 250 21.68 13.62 -0.57
CA LYS C 250 22.52 13.38 0.60
C LYS C 250 22.81 11.88 0.80
N SER C 251 21.78 11.08 0.59
N SER C 251 21.80 11.06 0.56
CA SER C 251 21.90 9.62 0.69
CA SER C 251 21.96 9.61 0.66
C SER C 251 22.96 9.09 -0.27
C SER C 251 23.04 9.10 -0.31
N VAL C 252 22.99 9.58 -1.51
N VAL C 252 22.98 9.57 -1.56
CA VAL C 252 23.93 9.06 -2.47
CA VAL C 252 23.92 9.12 -2.56
C VAL C 252 25.31 9.67 -2.22
C VAL C 252 25.31 9.69 -2.26
N LYS C 253 25.38 10.90 -1.67
CA LYS C 253 26.68 11.48 -1.30
C LYS C 253 27.30 10.72 -0.12
N LEU C 254 26.50 10.44 0.91
CA LEU C 254 27.04 9.72 2.07
C LEU C 254 27.51 8.31 1.69
N SER C 255 26.84 7.71 0.71
CA SER C 255 27.20 6.38 0.21
C SER C 255 28.58 6.42 -0.42
N LEU C 256 28.81 7.42 -1.27
CA LEU C 256 30.11 7.62 -1.89
C LEU C 256 31.16 7.87 -0.80
N ASP C 257 30.81 8.62 0.24
CA ASP C 257 31.83 9.02 1.21
C ASP C 257 32.28 7.80 2.02
N TYR C 258 31.37 6.82 2.24
CA TYR C 258 31.73 5.58 2.89
C TYR C 258 32.83 4.87 2.12
N LEU C 259 32.72 4.77 0.77
CA LEU C 259 33.72 4.10 -0.03
C LEU C 259 35.03 4.89 -0.11
N LEU C 260 34.92 6.22 -0.18
CA LEU C 260 36.11 7.05 -0.27
C LEU C 260 36.92 6.94 1.02
N GLU C 261 36.23 6.84 2.14
CA GLU C 261 36.91 6.74 3.43
C GLU C 261 37.42 5.33 3.72
N ALA C 262 36.86 4.30 3.09
CA ALA C 262 37.20 2.90 3.36
C ALA C 262 38.58 2.55 2.80
N PRO C 263 39.56 2.13 3.64
CA PRO C 263 40.90 1.83 3.12
C PRO C 263 40.94 0.60 2.22
N PHE C 264 39.92 -0.27 2.35
CA PHE C 264 39.85 -1.48 1.55
C PHE C 264 39.30 -1.25 0.13
N VAL C 265 38.81 -0.04 -0.17
CA VAL C 265 38.40 0.30 -1.53
C VAL C 265 39.58 0.98 -2.26
N LYS C 266 40.06 0.33 -3.31
CA LYS C 266 41.16 0.85 -4.10
C LYS C 266 40.73 2.03 -4.97
N ALA C 267 41.74 2.76 -5.42
CA ALA C 267 41.53 3.96 -6.21
C ALA C 267 40.99 3.61 -7.59
N SER C 268 41.31 2.42 -8.07
CA SER C 268 40.86 1.96 -9.37
C SER C 268 40.95 0.44 -9.43
N TYR C 269 40.00 -0.17 -10.15
CA TYR C 269 39.99 -1.59 -10.43
C TYR C 269 40.20 -1.87 -11.92
N SER C 270 40.32 -0.86 -12.79
CA SER C 270 40.26 -1.15 -14.23
C SER C 270 41.66 -1.40 -14.82
N LYS D 1 -49.01 11.39 -16.68
CA LYS D 1 -49.04 12.87 -16.55
C LYS D 1 -48.65 13.24 -15.12
N LYS D 2 -47.56 13.99 -14.99
CA LYS D 2 -46.99 14.39 -13.71
C LYS D 2 -46.55 15.85 -13.78
N ASP D 3 -46.62 16.53 -12.62
CA ASP D 3 -46.16 17.90 -12.50
C ASP D 3 -44.66 17.87 -12.34
N ILE D 4 -43.95 18.31 -13.40
CA ILE D 4 -42.48 18.33 -13.43
C ILE D 4 -42.03 19.63 -14.10
N GLY D 5 -41.19 20.37 -13.38
CA GLY D 5 -40.66 21.64 -13.81
C GLY D 5 -39.31 21.51 -14.51
N ILE D 6 -38.92 22.56 -15.23
CA ILE D 6 -37.63 22.61 -15.93
C ILE D 6 -36.97 23.96 -15.62
N GLN D 7 -35.67 23.91 -15.26
CA GLN D 7 -34.85 25.08 -15.10
C GLN D 7 -34.41 25.55 -16.47
N LEU D 8 -34.75 26.77 -16.85
CA LEU D 8 -34.51 27.25 -18.21
C LEU D 8 -33.03 27.39 -18.51
N TYR D 9 -32.16 27.45 -17.50
CA TYR D 9 -30.71 27.41 -17.72
C TYR D 9 -30.39 26.15 -18.53
N SER D 10 -31.15 25.06 -18.34
CA SER D 10 -30.89 23.81 -19.04
C SER D 10 -30.92 23.95 -20.56
N VAL D 11 -31.65 24.96 -21.08
CA VAL D 11 -31.78 25.09 -22.51
C VAL D 11 -31.23 26.44 -22.93
N ARG D 12 -30.26 26.98 -22.17
CA ARG D 12 -29.66 28.27 -22.50
C ARG D 12 -29.09 28.30 -23.93
N ASP D 13 -28.55 27.18 -24.41
CA ASP D 13 -28.00 27.08 -25.77
C ASP D 13 -29.07 27.09 -26.88
N LEU D 14 -30.36 27.05 -26.54
CA LEU D 14 -31.45 27.06 -27.50
C LEU D 14 -32.25 28.36 -27.36
N ILE D 15 -31.74 29.29 -26.56
CA ILE D 15 -32.36 30.59 -26.40
C ILE D 15 -31.39 31.60 -27.04
N GLY D 16 -31.76 32.12 -28.21
CA GLY D 16 -30.94 33.12 -28.86
C GLY D 16 -30.81 34.39 -28.01
N SER D 17 -29.66 35.07 -28.13
CA SER D 17 -29.44 36.35 -27.48
C SER D 17 -29.34 37.43 -28.57
N PHE D 18 -30.02 38.58 -28.37
CA PHE D 18 -30.17 39.64 -29.37
C PHE D 18 -30.14 41.03 -28.74
N GLY D 19 -30.05 42.08 -29.57
CA GLY D 19 -30.12 43.45 -29.07
C GLY D 19 -29.13 43.68 -27.92
N ARG D 20 -29.63 44.09 -26.74
CA ARG D 20 -28.76 44.43 -25.60
C ARG D 20 -28.94 43.46 -24.43
N ASN D 21 -30.19 43.11 -24.12
CA ASN D 21 -30.50 42.06 -23.16
C ASN D 21 -31.79 41.33 -23.57
N GLN D 22 -32.02 41.15 -24.87
CA GLN D 22 -33.16 40.39 -25.40
C GLN D 22 -32.78 38.93 -25.62
N HIS D 23 -33.77 38.03 -25.48
CA HIS D 23 -33.56 36.59 -25.51
C HIS D 23 -34.77 35.93 -26.12
N ASP D 24 -34.56 35.09 -27.13
CA ASP D 24 -35.68 34.53 -27.88
C ASP D 24 -36.07 33.20 -27.24
N TYR D 25 -36.87 33.24 -26.16
CA TYR D 25 -37.16 32.02 -25.38
C TYR D 25 -38.47 31.37 -25.80
N LYS D 26 -39.28 32.02 -26.62
CA LYS D 26 -40.60 31.48 -26.93
C LYS D 26 -40.52 30.12 -27.62
N PRO D 27 -39.65 29.91 -28.63
CA PRO D 27 -39.57 28.61 -29.28
C PRO D 27 -39.29 27.47 -28.33
N VAL D 28 -38.36 27.67 -27.38
CA VAL D 28 -38.01 26.59 -26.47
C VAL D 28 -39.12 26.39 -25.45
N LEU D 29 -39.84 27.45 -25.06
CA LEU D 29 -41.00 27.26 -24.19
C LEU D 29 -41.98 26.29 -24.82
N LYS D 30 -42.26 26.47 -26.12
CA LYS D 30 -43.20 25.59 -26.80
C LYS D 30 -42.66 24.16 -26.87
N ALA D 31 -41.36 24.01 -27.17
CA ALA D 31 -40.73 22.69 -27.22
C ALA D 31 -40.86 21.96 -25.88
N LEU D 32 -40.57 22.68 -24.79
CA LEU D 32 -40.62 22.11 -23.45
C LEU D 32 -42.05 21.69 -23.10
N ALA D 33 -43.01 22.56 -23.36
CA ALA D 33 -44.41 22.27 -23.07
C ALA D 33 -44.87 21.03 -23.83
N ASP D 34 -44.45 20.95 -25.09
CA ASP D 34 -44.77 19.83 -25.98
C ASP D 34 -44.19 18.51 -25.48
N MET D 35 -43.00 18.53 -24.87
CA MET D 35 -42.39 17.35 -24.27
C MET D 35 -43.21 16.86 -23.09
N GLY D 36 -43.90 17.76 -22.38
CA GLY D 36 -44.61 17.38 -21.19
C GLY D 36 -44.21 18.10 -19.90
N TYR D 37 -43.26 19.05 -19.94
CA TYR D 37 -42.97 19.82 -18.73
C TYR D 37 -44.15 20.71 -18.41
N THR D 38 -44.39 20.91 -17.11
CA THR D 38 -45.56 21.63 -16.64
C THR D 38 -45.26 22.97 -15.98
N SER D 39 -43.98 23.26 -15.68
CA SER D 39 -43.65 24.49 -14.98
C SER D 39 -42.21 24.88 -15.34
N ILE D 40 -41.93 26.17 -15.20
CA ILE D 40 -40.59 26.69 -15.45
C ILE D 40 -39.98 27.33 -14.22
N GLU D 41 -38.65 27.27 -14.13
CA GLU D 41 -37.89 28.14 -13.23
C GLU D 41 -36.97 28.96 -14.12
N ALA D 42 -37.11 30.28 -13.99
CA ALA D 42 -36.36 31.21 -14.80
C ALA D 42 -34.94 31.32 -14.28
N ALA D 43 -34.05 31.80 -15.15
CA ALA D 43 -32.69 32.09 -14.73
C ALA D 43 -32.21 33.34 -15.48
N SER D 44 -33.01 34.42 -15.47
CA SER D 44 -32.63 35.62 -16.21
C SER D 44 -33.40 36.82 -15.71
N TYR D 45 -33.05 37.29 -14.51
CA TYR D 45 -33.71 38.44 -13.94
C TYR D 45 -32.72 39.61 -13.93
N ASN D 46 -33.16 40.78 -14.40
CA ASN D 46 -32.35 41.98 -14.30
C ASN D 46 -33.24 43.23 -14.36
N ASP D 47 -33.10 44.12 -13.39
CA ASP D 47 -33.70 45.45 -13.43
C ASP D 47 -35.19 45.40 -13.77
N GLY D 48 -35.94 44.53 -13.06
CA GLY D 48 -37.38 44.47 -13.19
C GLY D 48 -37.86 43.57 -14.35
N LYS D 49 -36.94 42.94 -15.09
CA LYS D 49 -37.29 42.27 -16.32
C LYS D 49 -36.81 40.81 -16.31
N PHE D 50 -37.53 39.98 -17.09
CA PHE D 50 -37.22 38.57 -17.24
C PHE D 50 -36.86 38.34 -18.69
N TYR D 51 -35.62 37.91 -18.92
CA TYR D 51 -35.14 37.64 -20.27
C TYR D 51 -35.29 38.89 -21.14
N GLY D 52 -35.14 40.07 -20.54
CA GLY D 52 -35.22 41.35 -21.24
C GLY D 52 -36.66 41.87 -21.41
N ASN D 53 -37.67 41.08 -20.95
CA ASN D 53 -39.07 41.43 -21.14
C ASN D 53 -39.74 41.83 -19.83
N THR D 54 -40.90 42.51 -19.93
CA THR D 54 -41.61 42.93 -18.73
C THR D 54 -42.18 41.69 -18.07
N PRO D 55 -42.44 41.77 -16.74
CA PRO D 55 -43.08 40.66 -16.04
C PRO D 55 -44.39 40.26 -16.73
N GLU D 56 -45.20 41.23 -17.14
CA GLU D 56 -46.46 40.97 -17.85
C GLU D 56 -46.26 40.14 -19.12
N GLU D 57 -45.26 40.51 -19.93
CA GLU D 57 -44.94 39.81 -21.17
C GLU D 57 -44.45 38.39 -20.88
N PHE D 58 -43.55 38.25 -19.89
CA PHE D 58 -43.02 36.93 -19.61
C PHE D 58 -44.16 36.02 -19.17
N ARG D 59 -44.98 36.50 -18.23
CA ARG D 59 -46.06 35.68 -17.71
C ARG D 59 -46.98 35.28 -18.87
N ARG D 60 -47.31 36.23 -19.73
CA ARG D 60 -48.18 35.94 -20.86
C ARG D 60 -47.58 34.84 -21.74
N ASP D 61 -46.28 34.96 -22.04
CA ASP D 61 -45.60 33.98 -22.86
C ASP D 61 -45.58 32.59 -22.26
N VAL D 62 -45.27 32.44 -20.95
CA VAL D 62 -45.31 31.14 -20.32
C VAL D 62 -46.73 30.60 -20.27
N GLU D 63 -47.68 31.45 -19.88
CA GLU D 63 -49.06 30.99 -19.84
C GLU D 63 -49.52 30.52 -21.22
N ALA D 64 -49.05 31.15 -22.31
CA ALA D 64 -49.50 30.85 -23.66
C ALA D 64 -49.22 29.39 -24.05
N VAL D 65 -48.12 28.81 -23.52
CA VAL D 65 -47.81 27.42 -23.81
C VAL D 65 -48.32 26.47 -22.72
N GLY D 66 -49.06 26.98 -21.74
CA GLY D 66 -49.72 26.13 -20.77
C GLY D 66 -48.78 25.56 -19.72
N MET D 67 -47.71 26.29 -19.36
CA MET D 67 -46.86 25.94 -18.22
C MET D 67 -46.99 26.99 -17.12
N LYS D 68 -46.73 26.55 -15.90
CA LYS D 68 -46.82 27.43 -14.74
C LYS D 68 -45.56 28.27 -14.59
N VAL D 69 -45.76 29.56 -14.26
CA VAL D 69 -44.70 30.49 -13.95
C VAL D 69 -44.33 30.27 -12.49
N LEU D 70 -43.43 29.34 -12.23
CA LEU D 70 -43.32 28.79 -10.90
C LEU D 70 -42.25 29.51 -10.08
N SER D 71 -41.01 29.56 -10.60
CA SER D 71 -39.88 30.00 -9.80
C SER D 71 -38.88 30.80 -10.63
N SER D 72 -37.88 31.35 -9.97
CA SER D 72 -36.91 32.21 -10.61
C SER D 72 -35.65 32.22 -9.74
N HIS D 73 -34.48 32.10 -10.40
CA HIS D 73 -33.18 32.26 -9.77
C HIS D 73 -32.74 33.71 -9.90
N CYS D 74 -32.42 34.33 -8.78
CA CYS D 74 -31.86 35.67 -8.79
C CYS D 74 -31.30 35.99 -7.40
N GLY D 75 -30.47 37.00 -7.33
CA GLY D 75 -29.90 37.36 -6.05
C GLY D 75 -29.08 38.64 -6.16
N LYS D 76 -28.67 39.14 -5.00
CA LYS D 76 -27.84 40.32 -4.89
C LYS D 76 -26.89 40.07 -3.71
N GLY D 77 -25.60 39.84 -4.00
CA GLY D 77 -24.61 39.61 -2.96
C GLY D 77 -24.38 40.90 -2.15
N LEU D 78 -24.04 40.75 -0.88
CA LEU D 78 -23.68 41.92 -0.06
C LEU D 78 -22.30 42.43 -0.46
N SER D 79 -22.12 43.74 -0.41
CA SER D 79 -20.78 44.30 -0.61
C SER D 79 -19.95 44.07 0.64
N ASP D 80 -18.62 44.23 0.49
CA ASP D 80 -17.70 44.11 1.61
C ASP D 80 -18.12 45.02 2.76
N GLU D 81 -18.51 46.28 2.47
CA GLU D 81 -18.89 47.22 3.52
C GLU D 81 -20.23 46.81 4.16
N GLU D 82 -21.18 46.33 3.35
CA GLU D 82 -22.46 45.89 3.88
C GLU D 82 -22.22 44.71 4.82
N LEU D 83 -21.33 43.82 4.37
CA LEU D 83 -21.10 42.58 5.07
C LEU D 83 -20.41 42.91 6.40
N ALA D 84 -19.40 43.78 6.36
CA ALA D 84 -18.64 44.15 7.54
C ALA D 84 -19.51 44.93 8.52
N SER D 85 -20.31 45.87 8.00
CA SER D 85 -21.12 46.75 8.84
C SER D 85 -22.39 46.08 9.39
N GLY D 86 -22.98 45.10 8.66
CA GLY D 86 -24.28 44.55 9.03
C GLY D 86 -25.45 45.44 8.58
N ASP D 87 -25.17 46.46 7.78
CA ASP D 87 -26.21 47.33 7.27
C ASP D 87 -26.44 46.99 5.80
N PHE D 88 -27.62 46.46 5.46
CA PHE D 88 -27.89 46.10 4.08
C PHE D 88 -29.10 46.85 3.55
N SER D 89 -29.36 48.05 4.06
CA SER D 89 -30.56 48.80 3.67
C SER D 89 -30.57 49.14 2.18
N GLU D 90 -29.40 49.36 1.57
CA GLU D 90 -29.31 49.67 0.15
C GLU D 90 -29.65 48.45 -0.71
N SER D 91 -29.17 47.27 -0.31
CA SER D 91 -29.50 46.03 -1.03
C SER D 91 -30.99 45.71 -0.97
N MET D 92 -31.65 46.12 0.12
CA MET D 92 -33.06 45.82 0.31
C MET D 92 -33.91 46.58 -0.71
N LYS D 93 -33.45 47.74 -1.17
CA LYS D 93 -34.20 48.48 -2.17
C LYS D 93 -34.21 47.66 -3.46
N TRP D 94 -33.10 46.99 -3.76
CA TRP D 94 -33.01 46.17 -4.96
C TRP D 94 -34.08 45.07 -4.87
N TRP D 95 -34.22 44.50 -3.67
CA TRP D 95 -35.18 43.43 -3.41
C TRP D 95 -36.61 43.94 -3.58
N ASP D 96 -36.86 45.21 -3.24
CA ASP D 96 -38.24 45.67 -3.40
C ASP D 96 -38.63 45.64 -4.86
N GLN D 97 -37.74 46.09 -5.75
CA GLN D 97 -37.99 46.04 -7.18
C GLN D 97 -38.14 44.57 -7.61
N CYS D 98 -37.23 43.71 -7.15
CA CYS D 98 -37.20 42.33 -7.58
C CYS D 98 -38.52 41.64 -7.21
N ILE D 99 -38.96 41.83 -5.96
CA ILE D 99 -40.11 41.12 -5.45
C ILE D 99 -41.34 41.60 -6.20
N ALA D 100 -41.44 42.91 -6.42
CA ALA D 100 -42.59 43.41 -7.14
C ALA D 100 -42.62 42.82 -8.55
N ALA D 101 -41.45 42.64 -9.19
CA ALA D 101 -41.45 42.14 -10.56
C ALA D 101 -41.86 40.66 -10.59
N HIS D 102 -41.45 39.90 -9.59
CA HIS D 102 -41.81 38.50 -9.47
C HIS D 102 -43.33 38.37 -9.20
N LYS D 103 -43.85 39.24 -8.35
CA LYS D 103 -45.28 39.23 -8.08
C LYS D 103 -46.06 39.53 -9.34
N ALA D 104 -45.62 40.49 -10.15
CA ALA D 104 -46.28 40.83 -11.39
C ALA D 104 -46.25 39.65 -12.37
N ALA D 105 -45.19 38.80 -12.32
CA ALA D 105 -45.09 37.66 -13.21
C ALA D 105 -45.86 36.43 -12.71
N GLY D 106 -46.41 36.52 -11.50
CA GLY D 106 -47.19 35.46 -10.89
C GLY D 106 -46.36 34.36 -10.22
N MET D 107 -45.07 34.64 -9.97
CA MET D 107 -44.17 33.65 -9.40
C MET D 107 -44.57 33.18 -8.00
N GLU D 108 -44.43 31.88 -7.73
CA GLU D 108 -44.68 31.30 -6.43
C GLU D 108 -43.44 31.41 -5.54
N TYR D 109 -42.24 31.26 -6.15
CA TYR D 109 -40.99 31.21 -5.40
C TYR D 109 -39.99 32.16 -6.02
N ILE D 110 -39.05 32.68 -5.19
CA ILE D 110 -37.80 33.31 -5.64
C ILE D 110 -36.69 32.52 -4.94
N VAL D 111 -35.64 32.12 -5.71
CA VAL D 111 -34.56 31.35 -5.14
C VAL D 111 -33.22 32.02 -5.50
N THR D 112 -32.37 32.22 -4.48
CA THR D 112 -31.00 32.69 -4.68
C THR D 112 -30.13 31.47 -4.98
N PRO D 113 -29.40 31.46 -6.13
CA PRO D 113 -28.72 30.24 -6.57
C PRO D 113 -27.29 30.04 -6.09
N TYR D 114 -26.69 31.06 -5.48
CA TYR D 114 -25.29 31.01 -5.04
C TYR D 114 -24.96 32.08 -4.03
N LEU D 115 -24.32 31.64 -2.95
CA LEU D 115 -23.52 32.45 -2.08
C LEU D 115 -22.18 31.74 -1.93
N PRO D 116 -21.06 32.49 -1.86
CA PRO D 116 -19.76 31.87 -1.59
C PRO D 116 -19.68 31.49 -0.11
N VAL D 117 -18.80 30.54 0.22
CA VAL D 117 -18.58 30.18 1.61
C VAL D 117 -17.94 31.40 2.29
N PRO D 118 -18.57 31.95 3.34
CA PRO D 118 -17.97 33.08 4.07
C PRO D 118 -16.74 32.60 4.84
N LYS D 119 -15.91 33.57 5.16
CA LYS D 119 -14.64 33.29 5.82
C LYS D 119 -14.83 33.07 7.32
N THR D 120 -15.85 33.71 7.90
CA THR D 120 -16.10 33.60 9.32
C THR D 120 -17.57 33.35 9.61
N LEU D 121 -17.82 32.91 10.85
CA LEU D 121 -19.18 32.69 11.30
C LEU D 121 -19.89 34.04 11.45
N LYS D 122 -19.15 35.10 11.75
CA LYS D 122 -19.79 36.40 11.90
C LYS D 122 -20.38 36.83 10.54
N GLU D 123 -19.61 36.63 9.48
CA GLU D 123 -20.11 36.92 8.14
C GLU D 123 -21.29 36.01 7.75
N MET D 124 -21.21 34.73 8.08
CA MET D 124 -22.33 33.82 7.84
C MET D 124 -23.59 34.28 8.57
N GLN D 125 -23.45 34.68 9.85
CA GLN D 125 -24.62 35.15 10.58
C GLN D 125 -25.18 36.42 9.91
N THR D 126 -24.34 37.36 9.45
CA THR D 126 -24.85 38.52 8.74
C THR D 126 -25.67 38.09 7.52
N TYR D 127 -25.16 37.12 6.77
CA TYR D 127 -25.91 36.59 5.63
C TYR D 127 -27.25 36.01 6.07
N CYS D 128 -27.29 35.33 7.23
CA CYS D 128 -28.54 34.79 7.75
C CYS D 128 -29.52 35.93 8.05
N ASP D 129 -29.03 37.04 8.60
CA ASP D 129 -29.91 38.18 8.85
C ASP D 129 -30.49 38.72 7.54
N TYR D 130 -29.63 38.78 6.50
CA TYR D 130 -30.02 39.26 5.18
C TYR D 130 -31.06 38.31 4.59
N LEU D 131 -30.79 37.01 4.64
CA LEU D 131 -31.71 35.99 4.09
C LEU D 131 -33.08 36.09 4.77
N ASN D 132 -33.09 36.19 6.11
CA ASN D 132 -34.34 36.35 6.83
C ASN D 132 -35.10 37.61 6.38
N ALA D 133 -34.38 38.72 6.19
CA ALA D 133 -35.04 39.96 5.80
C ALA D 133 -35.64 39.85 4.40
N ILE D 134 -34.92 39.24 3.46
CA ILE D 134 -35.46 39.05 2.12
C ILE D 134 -36.68 38.14 2.19
N GLY D 135 -36.53 37.06 2.93
CA GLY D 135 -37.60 36.08 3.05
C GLY D 135 -38.87 36.69 3.61
N LYS D 136 -38.71 37.54 4.64
CA LYS D 136 -39.88 38.21 5.23
C LYS D 136 -40.56 39.12 4.21
N LYS D 137 -39.79 39.89 3.46
CA LYS D 137 -40.40 40.75 2.46
C LYS D 137 -41.12 39.92 1.40
N CYS D 138 -40.48 38.84 0.97
CA CYS D 138 -41.12 37.98 -0.01
C CYS D 138 -42.45 37.43 0.55
N ARG D 139 -42.44 36.94 1.79
CA ARG D 139 -43.63 36.40 2.45
C ARG D 139 -44.76 37.45 2.49
N GLU D 140 -44.40 38.72 2.70
CA GLU D 140 -45.39 39.78 2.81
C GLU D 140 -46.03 40.02 1.45
N ALA D 141 -45.32 39.64 0.36
CA ALA D 141 -45.81 39.75 -1.01
C ALA D 141 -46.42 38.44 -1.53
N GLY D 142 -46.51 37.43 -0.69
CA GLY D 142 -47.13 36.16 -1.03
C GLY D 142 -46.21 35.22 -1.83
N ILE D 143 -44.89 35.38 -1.66
CA ILE D 143 -43.88 34.60 -2.39
C ILE D 143 -43.00 33.89 -1.37
N LYS D 144 -42.58 32.67 -1.68
CA LYS D 144 -41.70 31.89 -0.84
C LYS D 144 -40.26 32.00 -1.35
N TYR D 145 -39.39 32.44 -0.45
CA TYR D 145 -37.98 32.69 -0.76
C TYR D 145 -37.17 31.48 -0.33
N GLY D 146 -36.26 31.04 -1.22
CA GLY D 146 -35.41 29.90 -0.95
C GLY D 146 -33.96 30.12 -1.42
N TYR D 147 -33.11 29.15 -1.02
CA TYR D 147 -31.69 29.12 -1.39
C TYR D 147 -31.38 27.79 -2.06
N HIS D 148 -30.61 27.83 -3.14
CA HIS D 148 -30.16 26.65 -3.86
C HIS D 148 -28.65 26.45 -3.66
N ASN D 149 -28.30 25.23 -3.30
CA ASN D 149 -26.91 24.86 -3.03
C ASN D 149 -26.19 24.36 -4.27
N HIS D 150 -24.86 24.44 -4.20
CA HIS D 150 -24.00 23.55 -4.98
C HIS D 150 -23.31 22.61 -3.99
N ALA D 151 -22.02 22.29 -4.20
CA ALA D 151 -21.33 21.40 -3.28
C ALA D 151 -20.56 22.10 -2.16
N HIS D 152 -20.19 23.36 -2.36
CA HIS D 152 -19.35 24.06 -1.40
C HIS D 152 -20.05 24.33 -0.06
N GLU D 153 -21.40 24.38 -0.07
CA GLU D 153 -22.11 24.63 1.17
C GLU D 153 -22.03 23.45 2.15
N PHE D 154 -21.40 22.33 1.75
CA PHE D 154 -21.13 21.25 2.68
C PHE D 154 -19.77 21.34 3.37
N GLN D 155 -19.01 22.41 3.06
CA GLN D 155 -17.80 22.75 3.81
C GLN D 155 -18.15 23.36 5.17
N LYS D 156 -17.18 23.27 6.11
CA LYS D 156 -17.31 23.90 7.40
C LYS D 156 -16.81 25.33 7.30
N ILE D 157 -17.34 26.17 8.19
CA ILE D 157 -16.88 27.52 8.40
C ILE D 157 -16.12 27.56 9.73
N GLU D 158 -14.89 28.08 9.68
CA GLU D 158 -13.98 28.12 10.82
C GLU D 158 -13.89 26.77 11.53
N ASP D 159 -14.06 25.67 10.78
CA ASP D 159 -14.00 24.32 11.32
C ASP D 159 -15.05 24.10 12.41
N LYS D 160 -16.14 24.88 12.37
CA LYS D 160 -17.24 24.72 13.29
C LYS D 160 -18.38 24.16 12.44
N ALA D 161 -19.38 24.98 12.19
CA ALA D 161 -20.60 24.52 11.57
C ALA D 161 -20.41 24.31 10.06
N VAL D 162 -21.14 23.35 9.50
CA VAL D 162 -21.22 23.27 8.06
C VAL D 162 -22.20 24.34 7.57
N MET D 163 -21.83 24.94 6.44
CA MET D 163 -22.46 26.15 5.96
C MET D 163 -23.97 25.93 5.78
N LEU D 164 -24.36 24.90 5.03
CA LEU D 164 -25.79 24.74 4.76
C LEU D 164 -26.57 24.54 6.07
N ASP D 165 -26.03 23.72 6.97
CA ASP D 165 -26.67 23.51 8.27
C ASP D 165 -26.83 24.82 9.04
N TYR D 166 -25.76 25.65 9.06
CA TYR D 166 -25.83 26.92 9.78
C TYR D 166 -26.95 27.76 9.19
N MET D 167 -27.03 27.83 7.85
CA MET D 167 -28.05 28.61 7.15
C MET D 167 -29.45 28.17 7.54
N ILE D 168 -29.70 26.87 7.52
CA ILE D 168 -31.02 26.34 7.84
C ILE D 168 -31.38 26.66 9.30
N GLU D 169 -30.43 26.37 10.19
CA GLU D 169 -30.64 26.55 11.63
C GLU D 169 -30.84 28.02 12.00
N ASN D 170 -30.31 28.96 11.20
CA ASN D 170 -30.33 30.35 11.60
C ASN D 170 -31.17 31.21 10.67
N THR D 171 -32.10 30.56 9.94
CA THR D 171 -33.14 31.27 9.23
C THR D 171 -34.48 30.70 9.70
N ASP D 172 -35.49 31.57 9.75
CA ASP D 172 -36.83 31.10 10.12
C ASP D 172 -37.45 30.24 9.00
N PRO D 173 -38.14 29.12 9.36
CA PRO D 173 -38.80 28.24 8.39
C PRO D 173 -39.77 28.97 7.48
N GLU D 174 -40.44 30.03 8.00
CA GLU D 174 -41.36 30.79 7.17
C GLU D 174 -40.68 31.81 6.25
N ASN D 175 -39.37 32.07 6.41
CA ASN D 175 -38.64 33.07 5.62
C ASN D 175 -37.73 32.41 4.55
N LEU D 176 -37.23 31.22 4.82
CA LEU D 176 -36.28 30.55 3.92
C LEU D 176 -36.56 29.05 3.87
N PHE D 177 -36.69 28.53 2.65
CA PHE D 177 -36.56 27.09 2.42
C PHE D 177 -35.30 26.82 1.57
N ILE D 178 -34.94 25.53 1.47
CA ILE D 178 -33.83 25.10 0.62
C ILE D 178 -34.38 24.41 -0.62
N GLU D 179 -33.92 24.90 -1.77
CA GLU D 179 -34.15 24.19 -3.02
C GLU D 179 -32.96 23.25 -3.20
N LEU D 180 -33.07 22.03 -2.71
CA LEU D 180 -31.92 21.15 -2.58
C LEU D 180 -31.56 20.61 -3.94
N ASP D 181 -30.29 20.80 -4.34
CA ASP D 181 -29.72 20.17 -5.51
C ASP D 181 -29.11 18.85 -5.09
N VAL D 182 -29.76 17.75 -5.50
CA VAL D 182 -29.45 16.46 -4.97
C VAL D 182 -28.11 15.97 -5.54
N TYR D 183 -27.80 16.36 -6.77
CA TYR D 183 -26.53 15.94 -7.37
C TYR D 183 -25.36 16.62 -6.68
N TRP D 184 -25.42 17.94 -6.47
CA TRP D 184 -24.33 18.62 -5.79
C TRP D 184 -24.23 18.20 -4.34
N ALA D 185 -25.34 17.83 -3.68
CA ALA D 185 -25.25 17.28 -2.36
C ALA D 185 -24.40 16.01 -2.34
N VAL D 186 -24.66 15.10 -3.28
CA VAL D 186 -23.91 13.85 -3.37
C VAL D 186 -22.43 14.12 -3.67
N MET D 187 -22.17 15.07 -4.58
CA MET D 187 -20.82 15.50 -4.87
C MET D 187 -20.11 16.08 -3.64
N GLY D 188 -20.89 16.70 -2.74
CA GLY D 188 -20.44 17.19 -1.46
C GLY D 188 -20.36 16.11 -0.38
N LYS D 189 -20.58 14.85 -0.75
CA LYS D 189 -20.52 13.72 0.17
C LYS D 189 -21.63 13.75 1.22
N ALA D 190 -22.75 14.40 0.86
CA ALA D 190 -23.89 14.50 1.77
C ALA D 190 -25.01 13.58 1.29
N SER D 191 -25.75 13.02 2.24
CA SER D 191 -26.93 12.20 1.98
C SER D 191 -28.16 13.08 1.90
N PRO D 192 -28.87 13.20 0.77
CA PRO D 192 -30.12 13.97 0.73
C PRO D 192 -31.10 13.52 1.79
N VAL D 193 -31.25 12.19 1.97
CA VAL D 193 -32.24 11.68 2.90
C VAL D 193 -31.86 12.00 4.35
N ASP D 194 -30.56 11.96 4.73
CA ASP D 194 -30.16 12.33 6.07
C ASP D 194 -30.45 13.82 6.31
N TYR D 195 -30.28 14.65 5.28
CA TYR D 195 -30.58 16.07 5.39
C TYR D 195 -32.07 16.25 5.61
N PHE D 196 -32.89 15.49 4.88
CA PHE D 196 -34.34 15.59 5.03
C PHE D 196 -34.75 15.28 6.46
N HIS D 197 -34.15 14.23 7.02
CA HIS D 197 -34.48 13.84 8.40
C HIS D 197 -33.98 14.85 9.41
N LYS D 198 -32.85 15.56 9.14
CA LYS D 198 -32.27 16.49 10.09
C LYS D 198 -33.07 17.80 10.12
N TYR D 199 -33.66 18.16 8.99
CA TYR D 199 -34.33 19.44 8.82
C TYR D 199 -35.69 19.21 8.21
N PRO D 200 -36.59 18.44 8.87
CA PRO D 200 -37.88 18.16 8.22
C PRO D 200 -38.65 19.40 7.85
N GLY D 201 -39.26 19.33 6.66
CA GLY D 201 -40.09 20.42 6.16
C GLY D 201 -39.39 21.59 5.47
N ARG D 202 -38.06 21.66 5.49
CA ARG D 202 -37.35 22.81 4.96
C ARG D 202 -37.05 22.69 3.47
N PHE D 203 -37.31 21.55 2.84
CA PHE D 203 -36.92 21.33 1.45
C PHE D 203 -38.12 21.40 0.55
N LYS D 204 -38.59 22.62 0.31
CA LYS D 204 -39.87 22.81 -0.34
C LYS D 204 -39.76 22.61 -1.85
N MET D 205 -38.54 22.66 -2.40
CA MET D 205 -38.34 22.28 -3.78
C MET D 205 -37.06 21.43 -3.89
N LEU D 206 -37.03 20.59 -4.91
CA LEU D 206 -35.81 19.84 -5.25
C LEU D 206 -35.35 20.27 -6.63
N HIS D 207 -34.01 20.43 -6.76
CA HIS D 207 -33.38 20.40 -8.08
C HIS D 207 -32.98 18.98 -8.38
N ILE D 208 -33.69 18.40 -9.34
CA ILE D 208 -33.45 17.06 -9.83
C ILE D 208 -32.41 17.21 -10.93
N LYS D 209 -31.19 16.82 -10.56
CA LYS D 209 -30.00 17.01 -11.40
C LYS D 209 -29.17 15.74 -11.26
N ASP D 210 -28.37 15.46 -12.30
CA ASP D 210 -27.50 14.29 -12.33
C ASP D 210 -26.27 14.76 -13.09
N ARG D 211 -25.36 13.83 -13.44
CA ARG D 211 -24.16 14.24 -14.15
C ARG D 211 -24.51 14.77 -15.53
N ARG D 212 -25.32 13.98 -16.24
CA ARG D 212 -25.93 14.37 -17.51
C ARG D 212 -27.42 14.11 -17.39
N GLU D 213 -27.97 13.23 -18.24
CA GLU D 213 -29.40 12.95 -18.21
C GLU D 213 -29.80 12.40 -16.85
N ILE D 214 -31.01 12.79 -16.39
CA ILE D 214 -31.51 12.37 -15.10
C ILE D 214 -31.68 10.84 -15.09
N GLY D 215 -31.07 10.24 -14.06
CA GLY D 215 -31.20 8.81 -13.75
C GLY D 215 -30.27 7.92 -14.57
N GLN D 216 -29.27 8.48 -15.26
CA GLN D 216 -28.38 7.77 -16.19
CA GLN D 216 -28.47 7.61 -16.10
C GLN D 216 -27.10 7.31 -15.50
N SER D 217 -26.61 8.08 -14.53
CA SER D 217 -25.20 7.95 -14.10
C SER D 217 -24.93 6.87 -13.06
N GLY D 218 -25.93 6.58 -12.22
CA GLY D 218 -25.76 5.73 -11.06
C GLY D 218 -25.31 6.47 -9.81
N MET D 219 -25.19 7.80 -9.88
CA MET D 219 -24.66 8.59 -8.79
C MET D 219 -25.74 9.18 -7.89
N VAL D 220 -27.01 9.07 -8.27
CA VAL D 220 -28.05 9.69 -7.47
C VAL D 220 -29.16 8.66 -7.24
N GLY D 221 -29.53 8.48 -5.96
CA GLY D 221 -30.55 7.53 -5.57
C GLY D 221 -31.92 8.24 -5.52
N PHE D 222 -32.45 8.56 -6.67
CA PHE D 222 -33.75 9.21 -6.76
C PHE D 222 -34.85 8.41 -6.07
N ASP D 223 -34.84 7.08 -6.12
CA ASP D 223 -35.85 6.30 -5.40
C ASP D 223 -35.94 6.67 -3.91
N ALA D 224 -34.81 6.66 -3.20
CA ALA D 224 -34.76 7.03 -1.79
C ALA D 224 -35.19 8.49 -1.60
N ILE D 225 -34.71 9.39 -2.45
CA ILE D 225 -35.06 10.79 -2.32
C ILE D 225 -36.60 10.96 -2.36
N PHE D 226 -37.24 10.38 -3.37
CA PHE D 226 -38.68 10.55 -3.55
C PHE D 226 -39.45 9.82 -2.46
N GLU D 227 -38.90 8.74 -1.93
CA GLU D 227 -39.54 7.99 -0.84
C GLU D 227 -39.63 8.87 0.40
N ASN D 228 -38.73 9.84 0.52
CA ASN D 228 -38.65 10.66 1.73
C ASN D 228 -39.12 12.09 1.46
N ALA D 229 -39.85 12.33 0.38
CA ALA D 229 -40.22 13.68 -0.06
C ALA D 229 -41.20 14.31 0.95
N LYS D 230 -42.03 13.49 1.63
CA LYS D 230 -42.99 14.03 2.60
C LYS D 230 -42.31 14.60 3.83
N THR D 231 -41.42 13.84 4.49
CA THR D 231 -40.62 14.38 5.58
C THR D 231 -39.96 15.69 5.14
N ALA D 232 -39.43 15.68 3.91
CA ALA D 232 -38.62 16.78 3.44
C ALA D 232 -39.42 18.07 3.30
N GLY D 233 -40.70 17.98 2.91
CA GLY D 233 -41.52 19.15 2.66
C GLY D 233 -41.71 19.51 1.19
N VAL D 234 -41.33 18.59 0.27
CA VAL D 234 -41.28 18.91 -1.14
C VAL D 234 -42.68 19.27 -1.63
N GLU D 235 -42.73 20.39 -2.33
CA GLU D 235 -43.91 20.88 -3.02
C GLU D 235 -43.81 20.80 -4.54
N ASN D 236 -42.59 21.01 -5.11
CA ASN D 236 -42.38 21.00 -6.53
C ASN D 236 -40.99 20.46 -6.84
N ILE D 237 -40.87 19.84 -8.02
CA ILE D 237 -39.57 19.34 -8.44
C ILE D 237 -39.21 19.99 -9.76
N ILE D 238 -37.93 20.34 -9.91
CA ILE D 238 -37.41 21.05 -11.07
C ILE D 238 -36.22 20.27 -11.64
N VAL D 239 -36.30 19.91 -12.90
CA VAL D 239 -35.19 19.26 -13.58
C VAL D 239 -34.17 20.31 -14.00
N GLU D 240 -32.86 19.96 -13.80
CA GLU D 240 -31.76 20.73 -14.32
C GLU D 240 -30.79 19.80 -15.03
N VAL D 241 -30.45 20.15 -16.26
CA VAL D 241 -29.47 19.39 -17.04
C VAL D 241 -28.52 20.40 -17.69
N GLU D 242 -27.21 20.28 -17.41
CA GLU D 242 -26.21 21.26 -17.83
C GLU D 242 -25.16 20.65 -18.73
N GLN D 243 -25.04 19.34 -18.67
CA GLN D 243 -24.13 18.57 -19.54
C GLN D 243 -24.95 17.47 -20.21
N TYR D 244 -24.58 17.10 -21.46
CA TYR D 244 -25.48 16.39 -22.32
C TYR D 244 -24.77 15.23 -23.05
N SER D 245 -25.44 14.09 -23.14
CA SER D 245 -24.96 12.94 -23.93
C SER D 245 -25.43 13.07 -25.39
N TYR D 246 -26.39 13.98 -25.63
CA TYR D 246 -27.11 14.08 -26.90
C TYR D 246 -27.37 15.56 -27.17
N ASP D 247 -28.09 15.86 -28.26
CA ASP D 247 -28.60 17.22 -28.45
C ASP D 247 -29.41 17.58 -27.21
N VAL D 248 -29.45 18.88 -26.93
CA VAL D 248 -30.09 19.38 -25.72
C VAL D 248 -31.56 18.92 -25.64
N GLU D 249 -32.32 19.05 -26.72
CA GLU D 249 -33.75 18.71 -26.74
C GLU D 249 -33.95 17.25 -26.35
N LYS D 250 -33.17 16.34 -26.93
CA LYS D 250 -33.27 14.93 -26.63
C LYS D 250 -32.90 14.68 -25.17
N SER D 251 -31.82 15.30 -24.66
N SER D 251 -31.81 15.32 -24.71
CA SER D 251 -31.36 15.03 -23.30
CA SER D 251 -31.30 15.11 -23.37
C SER D 251 -32.39 15.50 -22.27
C SER D 251 -32.35 15.47 -22.31
N VAL D 252 -33.07 16.62 -22.56
N VAL D 252 -33.03 16.60 -22.53
CA VAL D 252 -34.03 17.14 -21.60
CA VAL D 252 -34.01 17.08 -21.56
C VAL D 252 -35.32 16.31 -21.70
C VAL D 252 -35.29 16.25 -21.68
N LYS D 253 -35.64 15.75 -22.88
CA LYS D 253 -36.77 14.86 -23.00
C LYS D 253 -36.51 13.54 -22.30
N LEU D 254 -35.31 12.94 -22.48
CA LEU D 254 -35.01 11.67 -21.86
C LEU D 254 -35.03 11.80 -20.32
N SER D 255 -34.65 12.97 -19.84
CA SER D 255 -34.65 13.29 -18.40
C SER D 255 -36.08 13.24 -17.83
N LEU D 256 -37.01 13.87 -18.55
CA LEU D 256 -38.41 13.90 -18.18
C LEU D 256 -38.99 12.48 -18.21
N ASP D 257 -38.64 11.71 -19.25
CA ASP D 257 -39.17 10.38 -19.37
C ASP D 257 -38.77 9.48 -18.20
N TYR D 258 -37.53 9.64 -17.66
CA TYR D 258 -37.11 8.87 -16.50
C TYR D 258 -38.05 9.13 -15.34
N LEU D 259 -38.45 10.39 -15.15
CA LEU D 259 -39.31 10.75 -14.03
C LEU D 259 -40.75 10.27 -14.28
N LEU D 260 -41.23 10.38 -15.52
CA LEU D 260 -42.57 9.88 -15.84
C LEU D 260 -42.67 8.37 -15.68
N GLU D 261 -41.61 7.61 -16.01
CA GLU D 261 -41.67 6.16 -15.88
C GLU D 261 -41.44 5.71 -14.44
N ALA D 262 -40.81 6.56 -13.60
CA ALA D 262 -40.44 6.14 -12.25
C ALA D 262 -41.71 5.96 -11.42
N PRO D 263 -41.98 4.74 -10.86
CA PRO D 263 -43.11 4.57 -9.94
C PRO D 263 -43.06 5.38 -8.65
N PHE D 264 -41.86 5.77 -8.19
CA PHE D 264 -41.70 6.51 -6.92
C PHE D 264 -41.92 8.02 -7.10
N VAL D 265 -42.06 8.52 -8.34
CA VAL D 265 -42.40 9.92 -8.61
C VAL D 265 -43.92 10.08 -8.71
N LYS D 266 -44.51 10.76 -7.72
CA LYS D 266 -45.95 11.02 -7.70
C LYS D 266 -46.33 12.05 -8.75
N ALA D 267 -47.64 12.11 -9.09
CA ALA D 267 -48.13 12.99 -10.12
C ALA D 267 -48.11 14.45 -9.66
N SER D 268 -48.13 14.68 -8.34
CA SER D 268 -48.09 16.02 -7.80
C SER D 268 -47.49 15.99 -6.39
N TYR D 269 -46.75 17.02 -6.03
CA TYR D 269 -46.29 17.23 -4.67
C TYR D 269 -47.00 18.42 -4.04
N SER D 270 -47.79 19.20 -4.78
CA SER D 270 -48.25 20.49 -4.26
C SER D 270 -49.66 20.39 -3.68
#